data_7BYI
#
_entry.id   7BYI
#
_cell.length_a   158.620
_cell.length_b   158.620
_cell.length_c   209.427
_cell.angle_alpha   90.000
_cell.angle_beta   90.000
_cell.angle_gamma   120.000
#
_symmetry.space_group_name_H-M   'P 65 2 2'
#
loop_
_entity.id
_entity.type
_entity.pdbx_description
1 polymer 'Serine hydroxymethyltransferase, mitochondrial'
2 polymer 'Serine hydroxymethyltransferase, mitochondrial'
3 non-polymer 'PHOSPHATE ION'
4 non-polymer DI(HYDROXYETHYL)ETHER
5 non-polymer CARBENOXOLONE
6 water water
#
loop_
_entity_poly.entity_id
_entity_poly.type
_entity_poly.pdbx_seq_one_letter_code
_entity_poly.pdbx_strand_id
1 'polypeptide(L)'
;MAIRAQHSNAAQTQTGEANRGWTGQESLSDSDPEMWELLQREKDRQCRGLELIASENFCSRAALEALGSCLNNKYSEGYP
GKRYYGGAEVVDEIELLCQRRALEAFDLDPAQWGVNVQPYSGSPANLAVYTALLQPHDRIMGLDLPDGGHLTHGYMSDVK
RISATSIFFESMPYKLNPKTGLIDYNQLALTARLFRPRLIIAGTSAYARLIDYARMREVCDEVKAHLLADMAHISGLVAG
KVIPSPFKHADIVTTTTHKTLRGARSGLIFYRKGVKAVDPKTGREIPYTFEDRINFAVFPSLQGGPHNHAIAAVAVALKQ
AATPMFREYSLQVLKNARAMADALLERGYSLVSGGTDNHLVLVDLRPKGLDGARAERVLELVSITANKNTCPGDRSAITP
GGLRLGAPALTSRQFREDDFRRVVDFIDEGVNIGLEVKSKTAKLQDFKSFLLKDSETSQRLANLRQRVEQFARAFPMPGF
DEH
;
A
2 'polypeptide(L)'
;MAIRAQHSNAAQTQTGEANRGWTGQESLSDSDPEMWELLQREKDRQCRGLELIASENFCSRAALEALGSCLNNKYSEGYP
GKRYYGGAEVVDEIELLCQRRALEAFDLDPAQWGVNVQPYSGSPANLAVYTALLQPHDRIMGLDLPDGGHLTHGYMSDVK
RISATSIFFESMPYGLAPKTGLIDYNQLALTARLFRPRLIIAGTSAYARLIDYARMREVCDEVKAHLLADMAHISGLVAA
KVIPSPFKHADIVTTTTHKTLRGARSGLIFYRKGVKAVDPKTGREAPYTFEDRINFAVFPSLQGGPHNHAIAAVAVALKQ
ACTPMFREYSLQVLKNARAMADALLERGGYLVSGGTDNHLVLVDLRPKGGGGARAERVLELVSITANKNTCPGDRSAITP
GGLRLGAPALTSRQFREDDFRRVVDFIDEGVNIGLEVKSKTAKLQDFKSFLLKDSETSQRLANLRQRVEQFARAFPMPGF
DEH
;
B
#
loop_
_chem_comp.id
_chem_comp.type
_chem_comp.name
_chem_comp.formula
CBO non-polymer CARBENOXOLONE 'C34 H50 O7'
PEG non-polymer DI(HYDROXYETHYL)ETHER 'C4 H10 O3'
PO4 non-polymer 'PHOSPHATE ION' 'O4 P -3'
#
# COMPACT_ATOMS: atom_id res chain seq x y z
N GLY A 21 22.97 -6.34 -23.48
CA GLY A 21 23.34 -6.28 -22.03
C GLY A 21 22.45 -5.32 -21.25
N TRP A 22 21.91 -5.76 -20.10
CA TRP A 22 20.71 -5.18 -19.41
C TRP A 22 20.84 -3.67 -19.14
N THR A 23 19.92 -2.90 -19.72
CA THR A 23 19.82 -1.42 -19.66
C THR A 23 18.69 -0.99 -18.73
N GLY A 24 17.61 -1.78 -18.68
CA GLY A 24 16.34 -1.47 -17.99
C GLY A 24 15.57 -0.36 -18.68
N GLN A 25 15.82 -0.15 -19.99
CA GLN A 25 14.96 0.70 -20.84
C GLN A 25 14.16 -0.21 -21.77
N GLU A 26 14.37 -1.53 -21.65
CA GLU A 26 13.64 -2.54 -22.45
C GLU A 26 12.13 -2.43 -22.22
N SER A 27 11.32 -2.91 -23.15
CA SER A 27 9.84 -3.02 -23.00
C SER A 27 9.52 -4.35 -22.31
N LEU A 28 8.38 -4.37 -21.59
CA LEU A 28 7.80 -5.57 -20.93
C LEU A 28 7.51 -6.65 -22.00
N SER A 29 6.99 -6.22 -23.13
CA SER A 29 6.74 -7.11 -24.28
C SER A 29 8.01 -7.90 -24.62
N ASP A 30 9.17 -7.24 -24.70
CA ASP A 30 10.45 -7.91 -25.05
C ASP A 30 11.05 -8.70 -23.86
N SER A 31 11.12 -8.15 -22.63
CA SER A 31 11.87 -8.76 -21.50
C SER A 31 11.06 -9.80 -20.75
N ASP A 32 9.73 -9.83 -20.81
CA ASP A 32 8.90 -10.71 -19.93
C ASP A 32 7.62 -11.05 -20.66
N PRO A 33 7.74 -11.73 -21.80
CA PRO A 33 6.57 -12.11 -22.58
C PRO A 33 5.51 -12.80 -21.70
N GLU A 34 5.93 -13.61 -20.73
CA GLU A 34 4.99 -14.34 -19.82
C GLU A 34 4.02 -13.36 -19.18
N MET A 35 4.58 -12.29 -18.62
CA MET A 35 3.81 -11.25 -17.91
C MET A 35 3.03 -10.42 -18.94
N TRP A 36 3.59 -10.16 -20.13
CA TRP A 36 2.87 -9.35 -21.14
C TRP A 36 1.63 -10.10 -21.66
N GLU A 37 1.68 -11.41 -21.85
CA GLU A 37 0.50 -12.20 -22.25
C GLU A 37 -0.59 -12.07 -21.18
N LEU A 38 -0.22 -11.94 -19.91
CA LEU A 38 -1.18 -12.03 -18.80
C LEU A 38 -1.83 -10.66 -18.60
N LEU A 39 -1.03 -9.61 -18.68
CA LEU A 39 -1.58 -8.24 -18.76
C LEU A 39 -2.62 -8.22 -19.85
N GLN A 40 -2.35 -8.86 -20.98
CA GLN A 40 -3.20 -8.76 -22.21
C GLN A 40 -4.48 -9.54 -22.05
N ARG A 41 -4.39 -10.71 -21.42
CA ARG A 41 -5.60 -11.52 -21.09
C ARG A 41 -6.51 -10.74 -20.12
N GLU A 42 -5.91 -10.05 -19.14
CA GLU A 42 -6.68 -9.25 -18.15
C GLU A 42 -7.39 -8.15 -18.94
N LYS A 43 -6.64 -7.48 -19.81
CA LYS A 43 -7.24 -6.38 -20.61
C LYS A 43 -8.43 -6.91 -21.41
N ASP A 44 -8.28 -8.04 -22.11
CA ASP A 44 -9.40 -8.63 -22.89
C ASP A 44 -10.60 -8.95 -22.00
N ARG A 45 -10.36 -9.48 -20.80
CA ARG A 45 -11.41 -9.92 -19.85
C ARG A 45 -12.20 -8.69 -19.40
N GLN A 46 -11.54 -7.54 -19.28
CA GLN A 46 -12.24 -6.31 -18.84
C GLN A 46 -13.08 -5.80 -20.03
N CYS A 47 -12.53 -5.77 -21.25
CA CYS A 47 -13.23 -5.19 -22.41
C CYS A 47 -14.46 -6.04 -22.74
N ARG A 48 -14.40 -7.36 -22.54
CA ARG A 48 -15.47 -8.26 -23.07
C ARG A 48 -16.49 -8.54 -21.99
N GLY A 49 -16.21 -8.07 -20.79
CA GLY A 49 -17.02 -8.39 -19.61
C GLY A 49 -18.01 -7.31 -19.35
N LEU A 50 -19.07 -7.68 -18.66
CA LEU A 50 -19.99 -6.71 -18.05
C LEU A 50 -19.66 -6.70 -16.57
N GLU A 51 -19.05 -5.60 -16.10
CA GLU A 51 -18.54 -5.41 -14.74
C GLU A 51 -19.56 -4.59 -13.96
N LEU A 52 -20.15 -5.23 -12.96
CA LEU A 52 -21.23 -4.65 -12.14
C LEU A 52 -20.80 -4.65 -10.67
N ILE A 53 -19.52 -4.84 -10.36
CA ILE A 53 -19.02 -4.81 -8.96
C ILE A 53 -19.02 -3.36 -8.55
N ALA A 54 -19.91 -2.98 -7.60
CA ALA A 54 -20.21 -1.58 -7.28
C ALA A 54 -18.94 -0.82 -6.95
N SER A 55 -17.91 -1.50 -6.47
CA SER A 55 -16.62 -0.88 -6.09
C SER A 55 -15.56 -0.92 -7.20
N GLU A 56 -15.90 -1.37 -8.40
CA GLU A 56 -14.92 -1.38 -9.52
C GLU A 56 -15.12 -0.18 -10.41
N ASN A 57 -14.03 0.33 -10.97
CA ASN A 57 -14.05 1.37 -12.03
C ASN A 57 -12.90 1.07 -13.02
N PHE A 58 -12.86 1.72 -14.18
CA PHE A 58 -11.72 1.61 -15.13
C PHE A 58 -10.96 2.91 -15.07
N CYS A 59 -9.71 2.84 -14.65
CA CYS A 59 -8.83 4.02 -14.44
C CYS A 59 -8.48 4.69 -15.80
N SER A 60 -8.39 6.02 -15.82
CA SER A 60 -7.95 6.83 -16.98
C SER A 60 -6.54 6.45 -17.36
N ARG A 61 -6.21 6.63 -18.63
CA ARG A 61 -4.83 6.41 -19.15
C ARG A 61 -3.87 7.43 -18.53
N ALA A 62 -4.23 8.71 -18.56
CA ALA A 62 -3.51 9.79 -17.88
C ALA A 62 -3.04 9.37 -16.48
N ALA A 63 -3.98 8.94 -15.64
CA ALA A 63 -3.72 8.49 -14.25
C ALA A 63 -2.70 7.33 -14.31
N LEU A 64 -2.93 6.28 -15.13
CA LEU A 64 -2.00 5.11 -15.16
C LEU A 64 -0.59 5.51 -15.62
N GLU A 65 -0.47 6.57 -16.41
CA GLU A 65 0.86 7.00 -16.91
C GLU A 65 1.69 7.53 -15.73
N ALA A 66 1.07 8.25 -14.79
CA ALA A 66 1.66 8.74 -13.51
C ALA A 66 1.97 7.55 -12.60
N LEU A 67 0.98 6.64 -12.45
CA LEU A 67 1.06 5.44 -11.59
C LEU A 67 2.30 4.64 -11.98
N GLY A 68 2.56 4.55 -13.27
CA GLY A 68 3.67 3.72 -13.81
C GLY A 68 4.82 4.60 -14.23
N SER A 69 5.22 5.55 -13.37
CA SER A 69 6.25 6.58 -13.60
C SER A 69 7.42 6.40 -12.64
N CYS A 70 8.40 7.31 -12.74
CA CYS A 70 9.74 7.35 -12.09
C CYS A 70 9.59 7.83 -10.64
N LEU A 71 8.40 8.36 -10.32
CA LEU A 71 7.96 8.67 -8.94
C LEU A 71 7.99 7.39 -8.07
N ASN A 72 7.87 6.19 -8.64
CA ASN A 72 8.14 4.91 -7.94
C ASN A 72 9.49 4.97 -7.20
N ASN A 73 10.52 5.64 -7.74
CA ASN A 73 11.93 5.44 -7.30
C ASN A 73 12.28 6.39 -6.14
N LYS A 74 11.46 7.41 -5.90
CA LYS A 74 11.72 8.51 -4.92
C LYS A 74 11.19 8.15 -3.52
N TYR A 75 12.09 7.98 -2.53
CA TYR A 75 11.77 7.87 -1.07
C TYR A 75 11.54 9.27 -0.49
N SER A 76 10.35 9.59 0.00
CA SER A 76 10.04 10.94 0.55
C SER A 76 9.35 10.85 1.93
N GLU A 77 9.93 10.09 2.87
CA GLU A 77 9.45 9.96 4.30
C GLU A 77 9.26 11.37 4.90
N GLY A 78 8.08 11.68 5.46
CA GLY A 78 7.75 13.03 5.96
C GLY A 78 6.65 13.67 5.16
N TYR A 79 6.49 15.00 5.26
CA TYR A 79 5.44 15.80 4.57
C TYR A 79 6.02 17.05 3.91
N PRO A 80 5.42 17.53 2.79
CA PRO A 80 5.93 18.69 2.08
C PRO A 80 6.72 19.83 2.74
N GLY A 81 6.20 20.47 3.79
CA GLY A 81 6.76 21.70 4.35
C GLY A 81 8.26 21.44 4.45
N LYS A 82 8.66 20.49 5.31
CA LYS A 82 10.08 20.13 5.59
C LYS A 82 9.66 18.69 5.92
N ARG A 83 10.37 17.70 5.35
CA ARG A 83 10.08 16.24 5.43
C ARG A 83 11.38 15.43 5.47
N TYR A 84 12.38 15.87 6.23
CA TYR A 84 13.81 15.63 5.89
C TYR A 84 14.03 14.15 5.52
N TYR A 85 14.34 13.93 4.23
CA TYR A 85 15.05 12.76 3.67
C TYR A 85 16.15 13.26 2.74
N GLY A 86 15.83 14.19 1.84
CA GLY A 86 16.79 14.72 0.82
C GLY A 86 16.12 15.41 -0.36
N GLY A 87 16.37 14.93 -1.59
CA GLY A 87 16.16 15.66 -2.85
C GLY A 87 14.71 16.05 -3.11
N ALA A 88 13.78 15.59 -2.27
CA ALA A 88 12.32 15.69 -2.47
C ALA A 88 11.85 17.00 -3.11
N GLU A 89 12.71 17.76 -3.78
CA GLU A 89 12.37 19.13 -4.29
C GLU A 89 11.01 19.06 -5.01
N VAL A 90 10.87 18.11 -5.97
CA VAL A 90 9.76 18.12 -6.97
C VAL A 90 8.57 17.37 -6.38
N VAL A 91 8.80 16.27 -5.68
CA VAL A 91 7.69 15.45 -5.09
C VAL A 91 6.91 16.29 -4.08
N ASP A 92 7.59 17.12 -3.29
CA ASP A 92 6.94 18.08 -2.35
C ASP A 92 5.83 18.81 -3.11
N GLU A 93 6.12 19.28 -4.31
CA GLU A 93 5.15 20.08 -5.08
C GLU A 93 4.02 19.19 -5.60
N ILE A 94 4.31 17.93 -5.96
CA ILE A 94 3.28 16.94 -6.38
C ILE A 94 2.32 16.70 -5.21
N GLU A 95 2.87 16.51 -4.02
CA GLU A 95 2.03 16.24 -2.82
C GLU A 95 1.15 17.46 -2.55
N LEU A 96 1.71 18.67 -2.59
CA LEU A 96 0.90 19.90 -2.35
C LEU A 96 -0.18 20.01 -3.41
N LEU A 97 0.17 19.65 -4.65
CA LEU A 97 -0.74 19.78 -5.81
C LEU A 97 -1.92 18.87 -5.52
N CYS A 98 -1.60 17.63 -5.13
CA CYS A 98 -2.60 16.57 -4.81
C CYS A 98 -3.47 17.05 -3.65
N GLN A 99 -2.84 17.68 -2.64
CA GLN A 99 -3.57 18.28 -1.49
C GLN A 99 -4.58 19.29 -2.03
N ARG A 100 -4.13 20.25 -2.85
CA ARG A 100 -5.00 21.37 -3.31
C ARG A 100 -6.13 20.77 -4.14
N ARG A 101 -5.82 19.82 -5.03
CA ARG A 101 -6.83 19.25 -5.98
C ARG A 101 -7.84 18.46 -5.16
N ALA A 102 -7.41 17.88 -4.04
CA ALA A 102 -8.26 17.08 -3.12
C ALA A 102 -9.29 18.01 -2.49
N LEU A 103 -8.83 19.13 -1.94
CA LEU A 103 -9.72 20.08 -1.22
C LEU A 103 -10.62 20.74 -2.29
N GLU A 104 -10.10 21.04 -3.49
CA GLU A 104 -10.90 21.60 -4.64
C GLU A 104 -12.01 20.59 -5.01
N ALA A 105 -11.66 19.30 -5.13
CA ALA A 105 -12.53 18.22 -5.61
C ALA A 105 -13.81 18.19 -4.78
N PHE A 106 -13.68 18.18 -3.46
CA PHE A 106 -14.77 18.30 -2.46
C PHE A 106 -14.70 19.73 -2.00
N ASP A 107 -15.67 20.30 -1.29
CA ASP A 107 -15.75 21.79 -1.33
C ASP A 107 -14.64 22.43 -0.49
N LEU A 108 -13.74 23.11 -1.21
CA LEU A 108 -12.61 24.02 -0.80
C LEU A 108 -12.31 23.93 0.71
N ASP A 109 -12.77 24.98 1.43
CA ASP A 109 -12.17 25.74 2.56
C ASP A 109 -10.91 25.11 3.12
N PRO A 110 -9.71 25.47 2.62
CA PRO A 110 -8.44 25.12 3.27
C PRO A 110 -8.21 25.76 4.64
N ALA A 111 -8.96 26.83 4.94
CA ALA A 111 -9.03 27.46 6.27
C ALA A 111 -9.66 26.47 7.26
N GLN A 112 -10.62 25.64 6.81
CA GLN A 112 -11.50 24.80 7.66
C GLN A 112 -11.23 23.29 7.49
N TRP A 113 -10.40 22.86 6.52
CA TRP A 113 -10.13 21.42 6.23
C TRP A 113 -8.68 21.20 5.80
N GLY A 114 -8.09 20.11 6.26
CA GLY A 114 -6.80 19.61 5.78
C GLY A 114 -6.98 18.25 5.12
N VAL A 115 -5.95 17.72 4.48
CA VAL A 115 -6.02 16.37 3.83
C VAL A 115 -4.65 15.70 3.88
N ASN A 116 -4.65 14.40 4.13
CA ASN A 116 -3.44 13.54 4.07
C ASN A 116 -3.62 12.60 2.88
N VAL A 117 -2.66 12.59 1.95
CA VAL A 117 -2.77 11.89 0.64
C VAL A 117 -1.87 10.66 0.64
N GLN A 118 -1.19 10.37 1.76
CA GLN A 118 -0.16 9.31 1.81
C GLN A 118 -0.73 7.93 2.16
N PRO A 119 -1.99 7.73 2.55
CA PRO A 119 -2.41 6.37 2.90
C PRO A 119 -2.26 5.47 1.68
N TYR A 120 -1.77 4.26 1.89
CA TYR A 120 -1.43 3.28 0.83
C TYR A 120 -2.72 2.80 0.13
N SER A 121 -3.83 2.83 0.83
CA SER A 121 -5.12 2.26 0.37
C SER A 121 -6.21 2.63 1.40
N GLY A 122 -7.40 2.05 1.31
CA GLY A 122 -8.51 2.40 2.20
C GLY A 122 -8.32 1.89 3.62
N SER A 123 -8.01 0.61 3.77
CA SER A 123 -7.88 0.01 5.11
C SER A 123 -6.80 0.78 5.88
N PRO A 124 -5.64 1.07 5.29
CA PRO A 124 -4.63 1.86 5.97
C PRO A 124 -5.17 3.22 6.40
N ALA A 125 -5.98 3.86 5.56
CA ALA A 125 -6.50 5.22 5.86
C ALA A 125 -7.36 5.16 7.14
N ASN A 126 -8.08 4.08 7.33
CA ASN A 126 -8.99 3.94 8.48
C ASN A 126 -8.11 3.66 9.70
N LEU A 127 -7.26 2.64 9.62
CA LEU A 127 -6.39 2.21 10.76
C LEU A 127 -5.59 3.42 11.23
N ALA A 128 -5.20 4.32 10.32
CA ALA A 128 -4.50 5.60 10.64
C ALA A 128 -5.36 6.46 11.55
N VAL A 129 -6.63 6.64 11.20
CA VAL A 129 -7.57 7.51 11.94
C VAL A 129 -7.76 6.92 13.36
N TYR A 130 -8.05 5.62 13.44
CA TYR A 130 -8.20 4.91 14.73
C TYR A 130 -6.94 5.26 15.51
N THR A 131 -5.78 4.97 14.93
CA THR A 131 -4.47 5.06 15.63
C THR A 131 -4.24 6.48 16.09
N ALA A 132 -4.56 7.48 15.29
CA ALA A 132 -4.31 8.91 15.63
C ALA A 132 -5.20 9.41 16.76
N LEU A 133 -6.43 8.91 16.86
CA LEU A 133 -7.51 9.52 17.68
C LEU A 133 -7.81 8.67 18.90
N LEU A 134 -7.67 7.36 18.80
CA LEU A 134 -8.04 6.44 19.90
C LEU A 134 -6.81 5.79 20.53
N GLN A 135 -7.00 5.21 21.71
CA GLN A 135 -6.02 4.39 22.47
C GLN A 135 -6.31 2.95 22.13
N PRO A 136 -5.36 1.99 22.19
CA PRO A 136 -5.71 0.60 21.99
C PRO A 136 -6.86 0.29 22.96
N HIS A 137 -7.82 -0.53 22.49
CA HIS A 137 -9.00 -1.07 23.21
C HIS A 137 -10.11 -0.05 23.36
N ASP A 138 -9.91 1.19 22.94
CA ASP A 138 -11.00 2.19 22.79
C ASP A 138 -12.10 1.64 21.87
N ARG A 139 -13.31 2.18 22.04
CA ARG A 139 -14.58 1.55 21.59
C ARG A 139 -14.98 2.22 20.26
N ILE A 140 -15.37 1.40 19.27
CA ILE A 140 -15.68 1.83 17.88
C ILE A 140 -17.01 1.18 17.47
N MET A 141 -17.88 1.92 16.80
CA MET A 141 -19.09 1.32 16.15
C MET A 141 -19.12 1.64 14.66
N GLY A 142 -19.45 0.62 13.89
CA GLY A 142 -19.76 0.68 12.46
C GLY A 142 -20.91 -0.26 12.09
N LEU A 143 -21.48 -0.04 10.90
CA LEU A 143 -22.59 -0.89 10.44
C LEU A 143 -22.03 -2.30 10.36
N ASP A 144 -22.63 -3.29 10.99
CA ASP A 144 -22.14 -4.71 11.01
C ASP A 144 -21.77 -5.14 9.61
N LEU A 145 -20.82 -6.06 9.45
CA LEU A 145 -20.36 -6.51 8.10
C LEU A 145 -21.48 -7.07 7.21
N PRO A 146 -22.29 -8.06 7.69
CA PRO A 146 -23.39 -8.60 6.90
C PRO A 146 -24.42 -7.52 6.47
N ASP A 147 -24.78 -6.61 7.37
CA ASP A 147 -25.76 -5.52 7.12
C ASP A 147 -25.15 -4.46 6.16
N GLY A 148 -23.95 -4.70 5.61
CA GLY A 148 -23.35 -3.87 4.55
C GLY A 148 -22.23 -2.96 5.03
N GLY A 149 -21.57 -3.32 6.13
CA GLY A 149 -20.43 -2.53 6.66
C GLY A 149 -19.12 -2.96 6.02
N HIS A 150 -18.04 -2.21 6.22
CA HIS A 150 -16.70 -2.63 5.74
C HIS A 150 -16.02 -3.40 6.87
N LEU A 151 -15.20 -4.41 6.54
CA LEU A 151 -14.28 -5.15 7.45
C LEU A 151 -13.53 -4.18 8.36
N THR A 152 -13.00 -3.08 7.84
CA THR A 152 -12.08 -2.18 8.60
C THR A 152 -12.83 -1.39 9.67
N HIS A 153 -14.17 -1.44 9.69
CA HIS A 153 -15.05 -0.72 10.65
C HIS A 153 -15.24 -1.58 11.91
N GLY A 154 -14.86 -2.86 11.81
CA GLY A 154 -14.83 -3.86 12.90
C GLY A 154 -15.70 -5.03 12.52
N TYR A 155 -15.21 -6.22 12.79
CA TYR A 155 -16.01 -7.46 12.67
C TYR A 155 -15.35 -8.53 13.54
N MET A 156 -16.13 -9.10 14.46
CA MET A 156 -15.82 -10.35 15.23
C MET A 156 -16.82 -11.44 14.82
N SER A 157 -16.36 -12.66 14.56
CA SER A 157 -17.26 -13.83 14.41
C SER A 157 -17.65 -14.27 15.81
N ASP A 158 -18.40 -15.37 15.93
CA ASP A 158 -18.76 -15.98 17.22
C ASP A 158 -17.46 -16.12 18.03
N VAL A 159 -16.47 -16.85 17.50
CA VAL A 159 -15.27 -17.27 18.30
C VAL A 159 -13.94 -16.73 17.72
N LYS A 160 -13.96 -15.67 16.90
CA LYS A 160 -12.72 -15.07 16.34
C LYS A 160 -12.87 -13.56 16.15
N ARG A 161 -11.87 -12.80 16.61
CA ARG A 161 -11.62 -11.40 16.16
C ARG A 161 -11.11 -11.52 14.74
N ILE A 162 -11.71 -10.80 13.80
CA ILE A 162 -11.41 -10.98 12.35
C ILE A 162 -10.76 -9.71 11.82
N SER A 163 -11.41 -8.56 11.88
CA SER A 163 -10.74 -7.28 11.51
C SER A 163 -9.65 -6.93 12.53
N ALA A 164 -8.54 -6.37 12.08
CA ALA A 164 -7.50 -5.82 12.98
C ALA A 164 -8.14 -4.68 13.79
N THR A 165 -9.25 -4.14 13.34
CA THR A 165 -9.92 -3.02 14.01
C THR A 165 -10.51 -3.55 15.32
N SER A 166 -11.00 -4.79 15.27
CA SER A 166 -11.58 -5.57 16.38
C SER A 166 -10.50 -6.18 17.30
N ILE A 167 -9.22 -6.12 16.94
CA ILE A 167 -8.11 -6.73 17.72
C ILE A 167 -7.43 -5.64 18.56
N PHE A 168 -6.98 -4.58 17.88
CA PHE A 168 -6.31 -3.39 18.48
C PHE A 168 -7.34 -2.49 19.15
N PHE A 169 -8.61 -2.53 18.72
CA PHE A 169 -9.71 -1.77 19.37
C PHE A 169 -10.93 -2.68 19.62
N GLU A 170 -11.86 -2.13 20.39
CA GLU A 170 -13.11 -2.81 20.82
C GLU A 170 -14.27 -2.28 19.93
N SER A 171 -14.77 -3.12 19.03
CA SER A 171 -15.81 -2.73 18.04
C SER A 171 -17.13 -3.35 18.47
N MET A 172 -18.20 -2.54 18.42
CA MET A 172 -19.61 -3.00 18.49
C MET A 172 -20.30 -2.54 17.22
N PRO A 173 -21.02 -3.44 16.53
CA PRO A 173 -21.72 -3.07 15.30
C PRO A 173 -23.12 -2.47 15.52
N TYR A 174 -23.52 -1.47 14.72
CA TYR A 174 -24.94 -1.07 14.63
C TYR A 174 -25.60 -1.75 13.44
N LYS A 175 -26.47 -2.74 13.70
CA LYS A 175 -27.27 -3.50 12.70
C LYS A 175 -28.20 -2.59 11.87
N LEU A 176 -28.73 -3.21 10.81
CA LEU A 176 -29.71 -2.68 9.84
C LEU A 176 -31.08 -3.24 10.24
N ASN A 177 -32.11 -2.37 10.22
CA ASN A 177 -33.54 -2.60 10.55
C ASN A 177 -34.24 -3.22 9.37
N PRO A 178 -34.50 -4.55 9.30
CA PRO A 178 -35.04 -5.17 8.09
C PRO A 178 -36.39 -4.67 7.55
N LYS A 179 -36.30 -3.88 6.47
CA LYS A 179 -37.36 -3.18 5.68
C LYS A 179 -37.70 -1.84 6.34
N THR A 180 -37.17 -0.78 5.72
CA THR A 180 -37.29 0.69 5.99
C THR A 180 -36.16 1.32 5.18
N GLY A 181 -35.47 2.30 5.76
CA GLY A 181 -34.24 2.93 5.24
C GLY A 181 -33.02 2.14 5.72
N LEU A 182 -33.27 1.07 6.49
CA LEU A 182 -32.35 0.04 6.99
C LEU A 182 -31.44 0.52 8.12
N ILE A 183 -30.70 1.63 7.95
CA ILE A 183 -29.81 2.04 9.06
C ILE A 183 -30.68 2.45 10.24
N ASP A 184 -30.88 1.51 11.16
CA ASP A 184 -31.69 1.71 12.39
C ASP A 184 -30.89 2.84 13.03
N TYR A 185 -31.32 4.10 12.97
CA TYR A 185 -30.60 5.22 13.64
C TYR A 185 -31.14 5.09 15.08
N ASN A 186 -32.25 4.35 15.30
CA ASN A 186 -32.86 4.20 16.65
C ASN A 186 -31.91 3.34 17.45
N GLN A 187 -31.86 2.05 17.08
CA GLN A 187 -31.10 1.01 17.81
C GLN A 187 -29.68 1.54 17.98
N LEU A 188 -29.16 2.30 17.02
CA LEU A 188 -27.83 2.97 17.13
C LEU A 188 -27.72 3.81 18.39
N ALA A 189 -28.61 4.80 18.53
CA ALA A 189 -28.70 5.78 19.64
C ALA A 189 -28.85 5.06 20.98
N LEU A 190 -29.76 4.09 21.04
CA LEU A 190 -30.02 3.21 22.21
C LEU A 190 -28.69 2.62 22.66
N THR A 191 -28.02 1.87 21.80
CA THR A 191 -26.76 1.10 22.07
C THR A 191 -25.52 2.01 22.20
N ALA A 192 -25.42 3.11 21.44
CA ALA A 192 -24.30 4.07 21.55
C ALA A 192 -24.36 4.87 22.87
N ARG A 193 -25.46 4.80 23.64
CA ARG A 193 -25.56 5.46 24.97
C ARG A 193 -25.14 4.44 26.04
N LEU A 194 -25.37 3.14 25.78
CA LEU A 194 -24.93 2.00 26.61
C LEU A 194 -23.46 1.65 26.37
N PHE A 195 -22.86 1.91 25.20
CA PHE A 195 -21.50 1.40 24.83
C PHE A 195 -20.39 2.47 24.92
N ARG A 196 -20.78 3.74 24.82
CA ARG A 196 -19.93 4.93 25.10
C ARG A 196 -18.70 4.89 24.19
N PRO A 197 -18.88 4.63 22.89
CA PRO A 197 -17.75 4.51 21.98
C PRO A 197 -17.16 5.88 21.70
N ARG A 198 -15.87 5.97 21.44
CA ARG A 198 -15.18 7.29 21.27
C ARG A 198 -15.07 7.61 19.78
N LEU A 199 -15.50 6.70 18.91
CA LEU A 199 -15.64 7.04 17.47
C LEU A 199 -16.66 6.11 16.82
N ILE A 200 -17.58 6.68 16.04
CA ILE A 200 -18.59 5.91 15.26
C ILE A 200 -18.26 6.18 13.81
N ILE A 201 -18.36 5.13 13.01
CA ILE A 201 -18.07 5.22 11.56
C ILE A 201 -19.39 5.25 10.80
N ALA A 202 -19.53 6.21 9.88
CA ALA A 202 -20.65 6.36 8.92
C ALA A 202 -20.14 6.04 7.51
N GLY A 203 -20.38 4.83 6.99
CA GLY A 203 -19.91 4.40 5.64
C GLY A 203 -20.38 2.99 5.35
N THR A 204 -20.69 2.65 4.10
CA THR A 204 -21.21 1.28 3.75
C THR A 204 -20.66 0.77 2.42
N SER A 205 -20.69 -0.54 2.22
CA SER A 205 -20.36 -1.19 0.92
C SER A 205 -21.69 -1.42 0.20
N ALA A 206 -22.56 -2.18 0.87
CA ALA A 206 -23.82 -2.74 0.36
C ALA A 206 -25.01 -1.95 0.90
N TYR A 207 -25.27 -0.76 0.33
CA TYR A 207 -26.37 0.10 0.82
C TYR A 207 -26.78 1.03 -0.30
N ALA A 208 -28.08 1.06 -0.63
CA ALA A 208 -28.53 1.83 -1.80
C ALA A 208 -29.05 3.20 -1.38
N ARG A 209 -28.83 3.64 -0.15
CA ARG A 209 -29.52 4.86 0.40
C ARG A 209 -28.52 5.90 0.92
N LEU A 210 -28.98 7.11 1.21
CA LEU A 210 -28.07 8.19 1.69
C LEU A 210 -27.99 8.15 3.22
N ILE A 211 -26.86 8.61 3.73
CA ILE A 211 -26.42 8.51 5.16
C ILE A 211 -25.61 9.77 5.45
N ASP A 212 -24.28 9.60 5.71
CA ASP A 212 -23.25 10.63 6.09
C ASP A 212 -24.06 11.71 6.85
N TYR A 213 -24.88 11.22 7.82
CA TYR A 213 -26.13 11.78 8.34
C TYR A 213 -25.64 12.81 9.36
N ALA A 214 -26.13 14.03 9.25
CA ALA A 214 -26.27 14.99 10.37
C ALA A 214 -26.85 14.32 11.63
N ARG A 215 -27.68 13.27 11.56
CA ARG A 215 -28.14 12.55 12.78
C ARG A 215 -27.08 11.63 13.40
N MET A 216 -26.16 11.06 12.61
CA MET A 216 -24.95 10.40 13.15
C MET A 216 -24.25 11.44 14.03
N ARG A 217 -24.06 12.67 13.53
CA ARG A 217 -23.27 13.72 14.23
C ARG A 217 -23.96 14.24 15.50
N GLU A 218 -25.26 13.96 15.67
CA GLU A 218 -26.02 14.23 16.93
C GLU A 218 -25.71 13.08 17.89
N VAL A 219 -26.00 11.84 17.47
CA VAL A 219 -25.73 10.61 18.28
C VAL A 219 -24.29 10.70 18.80
N CYS A 220 -23.38 11.19 17.96
CA CYS A 220 -21.94 11.36 18.28
C CYS A 220 -21.74 12.55 19.24
N ASP A 221 -22.17 13.75 18.85
CA ASP A 221 -22.06 14.99 19.66
C ASP A 221 -22.64 14.72 21.05
N GLU A 222 -23.64 13.83 21.13
CA GLU A 222 -24.32 13.48 22.40
C GLU A 222 -23.31 12.80 23.31
N VAL A 223 -22.87 11.60 22.93
CA VAL A 223 -22.06 10.63 23.75
C VAL A 223 -20.55 10.92 23.62
N LYS A 224 -20.18 12.10 23.12
CA LYS A 224 -18.79 12.59 23.05
C LYS A 224 -17.98 11.59 22.23
N ALA A 225 -18.51 11.14 21.09
CA ALA A 225 -17.79 10.34 20.09
C ALA A 225 -17.31 11.27 18.97
N HIS A 226 -16.34 10.81 18.21
CA HIS A 226 -15.88 11.40 16.94
C HIS A 226 -16.72 10.79 15.81
N LEU A 227 -17.14 11.61 14.83
CA LEU A 227 -17.80 11.12 13.59
C LEU A 227 -16.76 10.95 12.49
N LEU A 228 -16.54 9.71 12.07
CA LEU A 228 -15.71 9.40 10.87
C LEU A 228 -16.68 8.93 9.79
N ALA A 229 -16.68 9.66 8.67
CA ALA A 229 -17.38 9.28 7.41
C ALA A 229 -16.32 8.60 6.54
N ASP A 230 -16.48 7.29 6.30
CA ASP A 230 -15.80 6.49 5.25
C ASP A 230 -16.69 6.50 3.99
N MET A 231 -16.48 7.45 3.08
CA MET A 231 -17.31 7.59 1.86
C MET A 231 -16.65 6.94 0.65
N ALA A 232 -16.07 5.76 0.79
CA ALA A 232 -15.21 5.24 -0.32
C ALA A 232 -16.07 4.96 -1.56
N HIS A 233 -17.26 4.42 -1.37
CA HIS A 233 -18.13 3.87 -2.42
C HIS A 233 -18.83 4.98 -3.19
N ILE A 234 -19.13 6.09 -2.52
CA ILE A 234 -19.96 7.22 -3.06
C ILE A 234 -19.11 8.46 -3.28
N SER A 235 -17.79 8.40 -3.08
CA SER A 235 -16.89 9.57 -3.07
C SER A 235 -17.08 10.36 -4.37
N GLY A 236 -17.28 9.68 -5.49
CA GLY A 236 -17.39 10.36 -6.77
C GLY A 236 -18.63 11.21 -6.78
N LEU A 237 -19.73 10.60 -6.37
CA LEU A 237 -21.04 11.27 -6.21
C LEU A 237 -20.83 12.56 -5.38
N VAL A 238 -20.38 12.42 -4.14
CA VAL A 238 -19.98 13.57 -3.28
C VAL A 238 -19.05 14.54 -4.06
N ALA A 239 -17.96 14.06 -4.66
CA ALA A 239 -17.02 14.91 -5.42
C ALA A 239 -17.79 15.84 -6.36
N GLY A 240 -18.96 15.40 -6.81
CA GLY A 240 -19.68 15.95 -7.98
C GLY A 240 -20.89 16.79 -7.53
N LYS A 241 -21.25 16.71 -6.25
CA LYS A 241 -22.40 17.43 -5.65
C LYS A 241 -23.71 16.83 -6.19
N VAL A 242 -23.69 15.61 -6.72
CA VAL A 242 -24.94 14.94 -7.20
C VAL A 242 -25.60 14.18 -6.06
N ILE A 243 -24.93 14.12 -4.91
CA ILE A 243 -25.51 13.73 -3.59
C ILE A 243 -24.90 14.62 -2.49
N PRO A 244 -25.53 14.65 -1.31
CA PRO A 244 -25.12 15.58 -0.27
C PRO A 244 -23.87 15.03 0.44
N SER A 245 -23.00 15.96 0.83
CA SER A 245 -21.61 15.80 1.34
C SER A 245 -21.68 15.36 2.80
N PRO A 246 -20.85 14.38 3.23
CA PRO A 246 -20.64 14.14 4.65
C PRO A 246 -19.86 15.31 5.27
N PHE A 247 -19.20 16.15 4.46
CA PHE A 247 -18.24 17.16 4.95
C PHE A 247 -18.95 18.33 5.63
N LYS A 248 -20.28 18.32 5.68
CA LYS A 248 -21.05 19.31 6.47
C LYS A 248 -21.14 18.83 7.92
N HIS A 249 -21.29 17.52 8.12
CA HIS A 249 -21.65 16.91 9.43
C HIS A 249 -20.44 16.23 10.07
N ALA A 250 -19.59 15.56 9.28
CA ALA A 250 -18.50 14.71 9.80
C ALA A 250 -17.24 15.55 9.99
N ASP A 251 -16.42 15.17 10.96
CA ASP A 251 -15.21 15.92 11.39
C ASP A 251 -13.95 15.29 10.73
N ILE A 252 -13.97 13.97 10.57
CA ILE A 252 -12.99 13.20 9.75
C ILE A 252 -13.74 12.57 8.57
N VAL A 253 -13.17 12.67 7.36
CA VAL A 253 -13.57 11.84 6.17
C VAL A 253 -12.37 11.00 5.66
N THR A 254 -12.60 9.70 5.45
CA THR A 254 -11.72 8.79 4.68
C THR A 254 -12.40 8.36 3.38
N THR A 255 -11.59 8.17 2.35
CA THR A 255 -12.00 7.56 1.07
C THR A 255 -10.82 6.87 0.38
N THR A 256 -11.17 5.91 -0.47
CA THR A 256 -10.29 5.43 -1.55
C THR A 256 -10.40 6.39 -2.73
N THR A 257 -9.35 6.44 -3.55
CA THR A 257 -9.21 7.32 -4.73
C THR A 257 -9.63 6.57 -6.00
N HIS A 258 -9.91 5.27 -5.86
CA HIS A 258 -10.56 4.40 -6.86
C HIS A 258 -12.00 4.12 -6.40
N LYS A 259 -12.74 3.33 -7.15
CA LYS A 259 -14.22 3.23 -7.07
C LYS A 259 -14.72 4.47 -7.83
N THR A 260 -15.82 5.08 -7.38
CA THR A 260 -16.51 6.18 -8.08
C THR A 260 -15.62 7.39 -8.32
N LEU A 261 -14.47 7.53 -7.67
CA LEU A 261 -13.49 8.62 -8.02
C LEU A 261 -12.64 8.25 -9.25
N ARG A 262 -12.52 6.96 -9.57
CA ARG A 262 -11.99 6.50 -10.88
C ARG A 262 -10.50 6.84 -10.96
N GLY A 263 -9.79 6.85 -9.86
CA GLY A 263 -8.32 7.02 -9.85
C GLY A 263 -7.60 5.71 -9.63
N ALA A 264 -6.28 5.78 -9.40
CA ALA A 264 -5.43 4.66 -8.95
C ALA A 264 -5.74 4.35 -7.50
N ARG A 265 -5.37 3.14 -7.08
CA ARG A 265 -5.71 2.60 -5.76
C ARG A 265 -4.82 3.26 -4.75
N SER A 266 -5.41 4.10 -3.91
CA SER A 266 -4.73 4.92 -2.90
C SER A 266 -5.78 5.26 -1.86
N GLY A 267 -5.43 6.02 -0.84
CA GLY A 267 -6.39 6.40 0.17
C GLY A 267 -6.21 7.84 0.56
N LEU A 268 -7.22 8.42 1.21
CA LEU A 268 -7.23 9.82 1.67
C LEU A 268 -7.85 9.88 3.08
N ILE A 269 -7.31 10.79 3.91
CA ILE A 269 -7.89 11.23 5.20
C ILE A 269 -8.05 12.75 5.20
N PHE A 270 -9.29 13.23 5.26
CA PHE A 270 -9.66 14.66 5.43
C PHE A 270 -10.06 14.87 6.89
N TYR A 271 -9.67 16.02 7.44
CA TYR A 271 -9.86 16.38 8.88
C TYR A 271 -10.08 17.88 9.01
N ARG A 272 -10.93 18.29 9.96
CA ARG A 272 -11.19 19.72 10.30
C ARG A 272 -9.93 20.34 10.94
N LYS A 273 -9.69 21.62 10.67
CA LYS A 273 -8.50 22.37 11.17
C LYS A 273 -8.88 23.82 11.51
N GLY A 274 -8.01 24.50 12.26
CA GLY A 274 -8.28 25.82 12.85
C GLY A 274 -9.08 25.68 14.14
N VAL A 275 -9.99 26.64 14.40
CA VAL A 275 -10.69 26.77 15.71
C VAL A 275 -12.04 26.05 15.66
N LYS A 276 -12.27 25.14 16.61
CA LYS A 276 -13.42 24.19 16.66
C LYS A 276 -14.68 24.98 17.04
N ALA A 277 -14.64 25.71 18.16
CA ALA A 277 -15.77 26.45 18.78
C ALA A 277 -15.25 27.25 19.99
N VAL A 278 -16.09 28.12 20.56
CA VAL A 278 -15.75 29.07 21.69
C VAL A 278 -16.61 28.70 22.91
N ASP A 279 -16.25 29.13 24.13
CA ASP A 279 -16.87 28.62 25.40
C ASP A 279 -16.50 29.45 26.62
N PRO A 280 -17.13 29.19 27.81
CA PRO A 280 -17.13 30.09 28.98
C PRO A 280 -16.04 31.01 29.55
N LYS A 281 -16.39 32.30 29.65
CA LYS A 281 -15.54 33.49 29.96
C LYS A 281 -15.33 34.20 28.61
N THR A 282 -14.28 35.03 28.48
CA THR A 282 -14.03 35.94 27.32
C THR A 282 -14.00 35.10 26.03
N GLY A 283 -13.76 33.78 26.14
CA GLY A 283 -13.86 32.81 25.04
C GLY A 283 -12.70 31.84 25.10
N ARG A 284 -11.56 32.22 24.49
CA ARG A 284 -10.33 31.39 24.35
C ARG A 284 -10.64 30.26 23.34
N GLU A 285 -11.17 30.60 22.15
CA GLU A 285 -11.84 29.64 21.23
C GLU A 285 -10.99 28.38 21.00
N ILE A 286 -11.59 27.23 21.33
CA ILE A 286 -10.98 25.85 21.39
C ILE A 286 -10.52 25.42 19.99
N PRO A 287 -9.21 25.10 19.78
CA PRO A 287 -8.70 24.65 18.49
C PRO A 287 -8.87 23.14 18.24
N TYR A 288 -9.03 22.75 16.97
CA TYR A 288 -9.08 21.33 16.50
C TYR A 288 -7.71 20.69 16.72
N THR A 289 -7.65 19.38 17.00
CA THR A 289 -6.38 18.66 17.34
C THR A 289 -6.14 17.43 16.45
N PHE A 290 -6.86 17.33 15.32
CA PHE A 290 -6.79 16.18 14.40
C PHE A 290 -5.55 16.21 13.53
N GLU A 291 -5.37 17.30 12.78
CA GLU A 291 -4.28 17.54 11.80
C GLU A 291 -2.96 16.89 12.20
N ASP A 292 -2.33 17.35 13.27
CA ASP A 292 -1.01 16.80 13.65
C ASP A 292 -1.12 15.35 14.13
N ARG A 293 -2.25 14.97 14.70
CA ARG A 293 -2.40 13.60 15.24
C ARG A 293 -2.52 12.61 14.08
N ILE A 294 -3.31 12.97 13.07
CA ILE A 294 -3.54 12.08 11.90
C ILE A 294 -2.27 12.01 11.04
N ASN A 295 -1.53 13.10 10.95
CA ASN A 295 -0.28 13.10 10.15
C ASN A 295 0.80 12.28 10.84
N PHE A 296 0.74 12.16 12.17
CA PHE A 296 1.77 11.39 12.91
C PHE A 296 1.40 9.92 12.90
N ALA A 297 0.10 9.64 12.79
CA ALA A 297 -0.31 8.23 12.76
C ALA A 297 0.09 7.69 11.40
N VAL A 298 -0.07 8.51 10.37
CA VAL A 298 0.24 8.08 8.98
C VAL A 298 1.75 7.94 8.77
N PHE A 299 2.55 9.00 8.91
CA PHE A 299 3.98 8.73 8.60
C PHE A 299 4.86 8.07 9.67
N PRO A 300 5.08 8.61 10.89
CA PRO A 300 5.97 7.90 11.78
C PRO A 300 5.40 6.57 12.24
N SER A 301 4.17 6.59 12.73
CA SER A 301 3.59 5.40 13.37
C SER A 301 3.32 4.22 12.45
N LEU A 302 2.52 4.41 11.39
CA LEU A 302 2.03 3.21 10.61
C LEU A 302 2.74 3.05 9.28
N GLN A 303 2.90 4.10 8.51
CA GLN A 303 3.45 3.95 7.14
C GLN A 303 4.93 4.36 7.11
N GLY A 304 5.74 3.68 6.31
CA GLY A 304 7.05 4.21 5.92
C GLY A 304 6.90 5.15 4.77
N GLY A 305 7.65 4.90 3.69
CA GLY A 305 7.79 5.87 2.59
C GLY A 305 6.52 5.92 1.77
N PRO A 306 6.04 7.14 1.42
CA PRO A 306 4.80 7.26 0.66
C PRO A 306 5.06 6.72 -0.75
N HIS A 307 4.00 6.33 -1.45
CA HIS A 307 4.09 5.88 -2.86
C HIS A 307 3.80 7.07 -3.76
N ASN A 308 4.84 7.82 -4.12
CA ASN A 308 4.68 9.09 -4.89
C ASN A 308 4.00 8.83 -6.24
N HIS A 309 4.11 7.63 -6.80
CA HIS A 309 3.44 7.29 -8.08
C HIS A 309 1.92 7.35 -7.90
N ALA A 310 1.41 6.58 -6.95
CA ALA A 310 -0.01 6.62 -6.52
C ALA A 310 -0.47 8.07 -6.29
N ILE A 311 0.27 8.85 -5.48
CA ILE A 311 -0.10 10.26 -5.12
C ILE A 311 -0.34 11.05 -6.40
N ALA A 312 0.56 10.92 -7.38
CA ALA A 312 0.52 11.64 -8.66
C ALA A 312 -0.74 11.23 -9.44
N ALA A 313 -0.95 9.93 -9.63
CA ALA A 313 -2.13 9.35 -10.34
C ALA A 313 -3.39 9.83 -9.62
N VAL A 314 -3.33 9.86 -8.29
CA VAL A 314 -4.45 10.37 -7.47
C VAL A 314 -4.68 11.82 -7.85
N ALA A 315 -3.63 12.62 -7.93
CA ALA A 315 -3.73 14.03 -8.34
C ALA A 315 -4.39 14.16 -9.73
N VAL A 316 -3.98 13.32 -10.69
CA VAL A 316 -4.57 13.39 -12.05
C VAL A 316 -6.07 13.20 -11.93
N ALA A 317 -6.50 12.18 -11.19
CA ALA A 317 -7.92 11.76 -11.07
C ALA A 317 -8.72 12.88 -10.42
N LEU A 318 -8.20 13.39 -9.31
CA LEU A 318 -8.90 14.43 -8.52
C LEU A 318 -9.19 15.64 -9.42
N LYS A 319 -8.26 16.04 -10.31
CA LYS A 319 -8.49 17.14 -11.27
C LYS A 319 -9.61 16.74 -12.22
N GLN A 320 -9.51 15.56 -12.84
CA GLN A 320 -10.58 14.98 -13.70
C GLN A 320 -11.89 15.18 -12.98
N ALA A 321 -11.93 14.90 -11.66
CA ALA A 321 -13.20 14.86 -10.87
C ALA A 321 -13.70 16.26 -10.56
N ALA A 322 -12.84 17.26 -10.59
CA ALA A 322 -13.24 18.67 -10.40
C ALA A 322 -13.53 19.26 -11.80
N THR A 323 -14.40 18.64 -12.62
CA THR A 323 -14.68 19.14 -14.00
C THR A 323 -16.10 18.88 -14.45
N PRO A 324 -16.61 19.71 -15.40
CA PRO A 324 -17.88 19.45 -16.06
C PRO A 324 -18.08 17.97 -16.43
N MET A 325 -17.11 17.41 -17.13
CA MET A 325 -17.14 16.00 -17.58
C MET A 325 -17.56 15.08 -16.41
N PHE A 326 -16.96 15.27 -15.23
CA PHE A 326 -17.10 14.30 -14.10
C PHE A 326 -18.46 14.42 -13.44
N ARG A 327 -19.07 15.63 -13.50
CA ARG A 327 -20.43 15.93 -12.98
C ARG A 327 -21.46 15.23 -13.86
N GLU A 328 -21.23 15.22 -15.18
CA GLU A 328 -22.06 14.53 -16.19
C GLU A 328 -22.02 13.01 -15.92
N TYR A 329 -20.80 12.48 -15.76
CA TYR A 329 -20.52 11.07 -15.42
C TYR A 329 -21.38 10.68 -14.21
N SER A 330 -21.22 11.42 -13.08
CA SER A 330 -21.81 11.02 -11.79
C SER A 330 -23.34 11.13 -11.85
N LEU A 331 -23.88 12.11 -12.58
CA LEU A 331 -25.35 12.18 -12.85
C LEU A 331 -25.76 10.95 -13.64
N GLN A 332 -25.06 10.66 -14.74
CA GLN A 332 -25.32 9.45 -15.54
C GLN A 332 -25.25 8.20 -14.63
N VAL A 333 -24.32 8.15 -13.65
CA VAL A 333 -24.15 6.98 -12.73
C VAL A 333 -25.45 6.75 -11.93
N LEU A 334 -26.02 7.78 -11.35
CA LEU A 334 -27.31 7.69 -10.62
C LEU A 334 -28.42 7.27 -11.57
N LYS A 335 -28.58 7.99 -12.68
CA LYS A 335 -29.65 7.66 -13.68
C LYS A 335 -29.46 6.22 -14.17
N ASN A 336 -28.20 5.78 -14.37
CA ASN A 336 -27.91 4.39 -14.82
C ASN A 336 -28.35 3.43 -13.71
N ALA A 337 -28.08 3.78 -12.47
CA ALA A 337 -28.42 2.94 -11.31
C ALA A 337 -29.95 2.82 -11.27
N ARG A 338 -30.65 3.96 -11.32
CA ARG A 338 -32.14 4.04 -11.30
C ARG A 338 -32.72 3.18 -12.42
N ALA A 339 -32.22 3.37 -13.64
CA ALA A 339 -32.57 2.59 -14.84
C ALA A 339 -32.54 1.09 -14.55
N MET A 340 -31.41 0.56 -14.08
CA MET A 340 -31.19 -0.88 -13.80
C MET A 340 -32.17 -1.31 -12.73
N ALA A 341 -32.38 -0.43 -11.74
CA ALA A 341 -33.36 -0.62 -10.64
C ALA A 341 -34.78 -0.76 -11.22
N ASP A 342 -35.30 0.31 -11.85
CA ASP A 342 -36.64 0.37 -12.48
C ASP A 342 -36.82 -0.90 -13.32
N ALA A 343 -35.78 -1.30 -14.07
CA ALA A 343 -35.78 -2.41 -15.04
C ALA A 343 -36.02 -3.76 -14.35
N LEU A 344 -35.51 -3.93 -13.13
CA LEU A 344 -35.56 -5.22 -12.38
C LEU A 344 -36.92 -5.38 -11.69
N LEU A 345 -37.46 -4.25 -11.20
CA LEU A 345 -38.82 -4.18 -10.65
C LEU A 345 -39.79 -4.53 -11.76
N GLU A 346 -39.63 -3.94 -12.96
CA GLU A 346 -40.46 -4.23 -14.17
C GLU A 346 -40.63 -5.75 -14.32
N ARG A 347 -39.65 -6.59 -14.00
CA ARG A 347 -39.73 -8.07 -14.05
C ARG A 347 -39.76 -8.65 -12.64
N GLY A 348 -40.17 -7.82 -11.68
CA GLY A 348 -40.56 -8.18 -10.32
C GLY A 348 -39.54 -8.93 -9.46
N TYR A 349 -38.38 -8.31 -9.29
CA TYR A 349 -37.26 -8.87 -8.55
C TYR A 349 -37.39 -8.80 -7.04
N SER A 350 -37.41 -7.56 -6.51
CA SER A 350 -37.28 -7.18 -5.06
C SER A 350 -35.89 -6.57 -4.84
N LEU A 351 -35.84 -5.27 -4.53
CA LEU A 351 -34.63 -4.48 -4.16
C LEU A 351 -34.66 -4.14 -2.66
N VAL A 352 -33.54 -4.42 -1.96
CA VAL A 352 -33.38 -4.27 -0.48
C VAL A 352 -34.01 -2.89 -0.27
N SER A 353 -35.04 -2.92 0.56
CA SER A 353 -36.02 -1.83 0.76
C SER A 353 -35.86 -0.82 -0.39
N GLY A 354 -36.62 -1.13 -1.44
CA GLY A 354 -37.17 -0.19 -2.44
C GLY A 354 -36.40 -0.22 -3.73
N GLY A 355 -35.50 0.76 -3.89
CA GLY A 355 -34.74 1.09 -5.11
C GLY A 355 -33.39 1.61 -4.69
N THR A 356 -33.02 2.82 -5.11
CA THR A 356 -31.70 3.39 -4.78
C THR A 356 -31.73 4.89 -4.97
N ASP A 357 -30.79 5.57 -4.32
CA ASP A 357 -30.52 7.02 -4.41
C ASP A 357 -29.01 7.20 -4.59
N ASN A 358 -28.30 6.13 -4.94
CA ASN A 358 -26.81 6.17 -5.12
C ASN A 358 -26.41 5.37 -6.39
N HIS A 359 -25.23 4.77 -6.32
CA HIS A 359 -24.50 4.18 -7.46
C HIS A 359 -24.86 2.72 -7.60
N LEU A 360 -25.60 2.13 -6.67
CA LEU A 360 -25.77 0.67 -6.70
C LEU A 360 -27.18 0.24 -6.34
N VAL A 361 -27.43 -1.06 -6.32
CA VAL A 361 -28.75 -1.70 -6.26
C VAL A 361 -28.50 -3.07 -5.65
N LEU A 362 -29.21 -3.38 -4.57
CA LEU A 362 -29.14 -4.70 -3.88
C LEU A 362 -30.38 -5.46 -4.30
N VAL A 363 -30.23 -6.55 -5.01
CA VAL A 363 -31.37 -7.40 -5.46
C VAL A 363 -31.57 -8.49 -4.41
N ASP A 364 -32.82 -8.73 -4.00
CA ASP A 364 -33.26 -9.87 -3.13
C ASP A 364 -33.84 -10.94 -4.05
N LEU A 365 -33.24 -12.13 -4.04
CA LEU A 365 -33.43 -13.21 -5.06
C LEU A 365 -34.17 -14.41 -4.46
N ARG A 366 -34.50 -14.36 -3.18
CA ARG A 366 -35.22 -15.46 -2.49
C ARG A 366 -36.67 -15.44 -2.96
N PRO A 367 -37.31 -14.25 -3.10
CA PRO A 367 -38.66 -14.12 -3.65
C PRO A 367 -38.79 -14.41 -5.16
N LYS A 368 -37.68 -14.64 -5.86
CA LYS A 368 -37.62 -15.07 -7.28
C LYS A 368 -37.08 -16.51 -7.34
N GLY A 369 -36.58 -17.06 -6.22
CA GLY A 369 -36.32 -18.50 -6.07
C GLY A 369 -34.86 -18.90 -6.20
N LEU A 370 -33.88 -17.97 -6.18
CA LEU A 370 -32.41 -18.32 -6.25
C LEU A 370 -31.59 -17.56 -5.18
N ASP A 371 -30.52 -18.16 -4.67
CA ASP A 371 -29.57 -17.48 -3.75
C ASP A 371 -28.59 -16.59 -4.54
N GLY A 372 -27.57 -16.05 -3.87
CA GLY A 372 -26.54 -15.17 -4.46
C GLY A 372 -25.40 -15.98 -5.03
N ALA A 373 -24.98 -17.02 -4.32
CA ALA A 373 -23.76 -17.79 -4.66
C ALA A 373 -23.96 -18.51 -6.00
N ARG A 374 -25.18 -18.97 -6.30
CA ARG A 374 -25.50 -19.61 -7.60
C ARG A 374 -25.58 -18.53 -8.67
N ALA A 375 -26.36 -17.48 -8.43
CA ALA A 375 -26.53 -16.35 -9.38
C ALA A 375 -25.16 -15.79 -9.79
N GLU A 376 -24.29 -15.49 -8.83
CA GLU A 376 -22.91 -14.97 -9.02
C GLU A 376 -22.09 -15.91 -9.92
N ARG A 377 -22.15 -17.21 -9.68
CA ARG A 377 -21.33 -18.21 -10.41
C ARG A 377 -21.86 -18.40 -11.83
N VAL A 378 -23.14 -18.16 -12.02
CA VAL A 378 -23.78 -18.31 -13.34
C VAL A 378 -23.40 -17.09 -14.15
N LEU A 379 -23.49 -15.89 -13.55
CA LEU A 379 -23.17 -14.61 -14.22
C LEU A 379 -21.68 -14.60 -14.51
N GLU A 380 -20.87 -15.13 -13.59
CA GLU A 380 -19.39 -15.25 -13.77
C GLU A 380 -19.13 -15.94 -15.12
N LEU A 381 -19.90 -16.98 -15.43
CA LEU A 381 -19.56 -17.87 -16.57
C LEU A 381 -20.12 -17.23 -17.85
N VAL A 382 -20.86 -16.12 -17.74
CA VAL A 382 -21.38 -15.41 -18.94
C VAL A 382 -20.78 -14.01 -19.02
N SER A 383 -19.64 -13.82 -18.36
CA SER A 383 -18.82 -12.57 -18.32
C SER A 383 -19.57 -11.43 -17.63
N ILE A 384 -20.52 -11.76 -16.77
CA ILE A 384 -21.15 -10.76 -15.87
C ILE A 384 -20.57 -10.94 -14.47
N THR A 385 -19.89 -9.95 -13.94
CA THR A 385 -19.30 -10.05 -12.57
C THR A 385 -20.02 -9.10 -11.63
N ALA A 386 -20.84 -9.67 -10.75
CA ALA A 386 -21.41 -9.08 -9.51
C ALA A 386 -20.89 -9.81 -8.25
N ASN A 387 -21.33 -9.41 -7.06
CA ASN A 387 -21.01 -10.16 -5.81
C ASN A 387 -22.31 -10.55 -5.08
N LYS A 388 -22.30 -11.76 -4.54
CA LYS A 388 -23.40 -12.23 -3.64
C LYS A 388 -23.49 -11.25 -2.47
N ASN A 389 -24.66 -11.15 -1.84
CA ASN A 389 -24.89 -10.16 -0.76
C ASN A 389 -25.91 -10.68 0.26
N THR A 390 -25.49 -10.81 1.50
CA THR A 390 -26.35 -11.14 2.67
C THR A 390 -27.53 -10.17 2.71
N CYS A 391 -28.73 -10.72 2.84
CA CYS A 391 -29.99 -9.94 2.98
C CYS A 391 -30.38 -10.06 4.44
N PRO A 392 -31.00 -9.03 5.05
CA PRO A 392 -31.44 -9.09 6.46
C PRO A 392 -32.16 -10.40 6.80
N GLY A 393 -31.38 -11.36 7.34
CA GLY A 393 -31.79 -12.73 7.69
C GLY A 393 -30.57 -13.61 7.43
N ASP A 394 -29.46 -13.16 8.01
CA ASP A 394 -28.07 -13.62 7.84
C ASP A 394 -27.79 -15.11 8.00
N ARG A 395 -28.38 -15.98 7.18
CA ARG A 395 -27.94 -17.41 7.19
C ARG A 395 -26.47 -17.30 6.83
N SER A 396 -26.20 -16.60 5.71
CA SER A 396 -24.89 -16.00 5.35
C SER A 396 -23.89 -17.10 4.92
N ALA A 397 -22.61 -16.78 4.90
CA ALA A 397 -21.61 -17.78 4.64
C ALA A 397 -21.78 -18.41 3.27
N ILE A 398 -21.50 -17.64 2.23
CA ILE A 398 -21.49 -18.19 0.89
C ILE A 398 -22.78 -18.90 0.56
N THR A 399 -23.88 -18.16 0.60
CA THR A 399 -25.18 -18.66 0.20
C THR A 399 -26.25 -17.67 0.64
N PRO A 400 -25.88 -16.42 0.73
CA PRO A 400 -26.83 -15.34 0.96
C PRO A 400 -27.83 -15.06 -0.17
N GLY A 401 -28.98 -14.48 0.17
CA GLY A 401 -30.13 -14.44 -0.74
C GLY A 401 -30.17 -13.21 -1.64
N GLY A 402 -29.10 -12.41 -1.67
CA GLY A 402 -29.06 -11.16 -2.46
C GLY A 402 -27.94 -11.11 -3.49
N LEU A 403 -27.93 -10.05 -4.30
CA LEU A 403 -26.91 -9.78 -5.34
C LEU A 403 -26.69 -8.29 -5.40
N ARG A 404 -25.43 -7.86 -5.36
CA ARG A 404 -25.09 -6.43 -5.35
C ARG A 404 -24.62 -6.04 -6.76
N LEU A 405 -25.28 -5.06 -7.39
CA LEU A 405 -24.98 -4.59 -8.78
C LEU A 405 -24.77 -3.08 -8.75
N GLY A 406 -23.75 -2.60 -9.45
CA GLY A 406 -23.40 -1.17 -9.52
C GLY A 406 -23.14 -0.73 -10.94
N ALA A 407 -23.28 0.56 -11.17
CA ALA A 407 -23.30 1.22 -12.50
C ALA A 407 -21.97 1.91 -12.82
N PRO A 408 -21.11 2.28 -11.84
CA PRO A 408 -19.95 3.11 -12.15
C PRO A 408 -19.02 2.55 -13.24
N ALA A 409 -18.67 1.26 -13.17
CA ALA A 409 -17.67 0.64 -14.08
C ALA A 409 -18.18 0.89 -15.49
N LEU A 410 -19.38 0.40 -15.78
CA LEU A 410 -19.94 0.47 -17.15
C LEU A 410 -20.24 1.92 -17.58
N THR A 411 -20.85 2.74 -16.74
CA THR A 411 -21.05 4.20 -16.98
C THR A 411 -19.72 4.85 -17.45
N SER A 412 -18.59 4.32 -17.06
CA SER A 412 -17.28 4.86 -17.53
C SER A 412 -17.00 4.37 -18.96
N ARG A 413 -17.65 3.30 -19.40
CA ARG A 413 -17.55 2.73 -20.76
C ARG A 413 -18.63 3.37 -21.67
N GLN A 414 -19.20 4.51 -21.25
CA GLN A 414 -20.19 5.34 -21.99
C GLN A 414 -21.56 4.63 -22.07
N PHE A 415 -21.87 3.69 -21.18
CA PHE A 415 -23.23 3.10 -21.11
C PHE A 415 -24.22 4.21 -20.68
N ARG A 416 -25.45 4.06 -21.17
CA ARG A 416 -26.63 4.91 -20.84
C ARG A 416 -27.77 4.00 -20.36
N GLU A 417 -28.88 4.60 -19.96
CA GLU A 417 -30.06 3.89 -19.41
C GLU A 417 -30.48 2.72 -20.30
N ASP A 418 -30.44 2.82 -21.63
CA ASP A 418 -30.88 1.69 -22.52
C ASP A 418 -29.90 0.52 -22.38
N ASP A 419 -28.62 0.85 -22.29
CA ASP A 419 -27.49 -0.12 -22.13
C ASP A 419 -27.70 -0.92 -20.84
N PHE A 420 -28.12 -0.27 -19.76
CA PHE A 420 -28.34 -0.99 -18.50
C PHE A 420 -29.65 -1.76 -18.59
N ARG A 421 -30.65 -1.23 -19.31
CA ARG A 421 -31.97 -1.91 -19.53
C ARG A 421 -31.62 -3.30 -20.08
N ARG A 422 -30.60 -3.36 -20.94
CA ARG A 422 -30.24 -4.57 -21.71
C ARG A 422 -29.34 -5.51 -20.85
N VAL A 423 -28.37 -4.93 -20.12
CA VAL A 423 -27.58 -5.61 -19.06
C VAL A 423 -28.54 -6.47 -18.21
N VAL A 424 -29.68 -5.91 -17.86
CA VAL A 424 -30.67 -6.59 -16.97
C VAL A 424 -31.35 -7.73 -17.73
N ASP A 425 -31.54 -7.65 -19.07
CA ASP A 425 -32.12 -8.80 -19.84
C ASP A 425 -31.14 -9.94 -19.81
N PHE A 426 -29.85 -9.61 -19.89
CA PHE A 426 -28.79 -10.64 -19.79
C PHE A 426 -28.79 -11.23 -18.38
N ILE A 427 -28.90 -10.41 -17.32
CA ILE A 427 -28.92 -10.96 -15.94
C ILE A 427 -30.14 -11.90 -15.82
N ASP A 428 -31.28 -11.49 -16.41
CA ASP A 428 -32.53 -12.30 -16.44
C ASP A 428 -32.23 -13.70 -17.01
N GLU A 429 -31.55 -13.80 -18.15
CA GLU A 429 -31.26 -15.13 -18.75
C GLU A 429 -30.38 -15.90 -17.79
N GLY A 430 -29.49 -15.20 -17.07
CA GLY A 430 -28.64 -15.79 -16.02
C GLY A 430 -29.46 -16.34 -14.87
N VAL A 431 -30.18 -15.47 -14.16
CA VAL A 431 -31.12 -15.88 -13.06
C VAL A 431 -31.91 -17.10 -13.55
N ASN A 432 -32.45 -17.05 -14.79
CA ASN A 432 -33.36 -18.09 -15.37
C ASN A 432 -32.60 -19.38 -15.65
N ILE A 433 -31.36 -19.34 -16.10
CA ILE A 433 -30.52 -20.57 -16.30
C ILE A 433 -30.27 -21.19 -14.92
N GLY A 434 -30.08 -20.34 -13.91
CA GLY A 434 -29.87 -20.74 -12.52
C GLY A 434 -31.03 -21.58 -12.01
N LEU A 435 -32.19 -20.94 -11.78
CA LEU A 435 -33.47 -21.64 -11.45
C LEU A 435 -33.49 -23.03 -12.11
N GLU A 436 -33.40 -23.11 -13.45
CA GLU A 436 -33.38 -24.40 -14.16
C GLU A 436 -32.35 -25.34 -13.50
N VAL A 437 -31.08 -24.94 -13.34
CA VAL A 437 -30.03 -25.89 -12.84
C VAL A 437 -30.31 -26.20 -11.35
N LYS A 438 -30.88 -25.24 -10.62
CA LYS A 438 -31.31 -25.40 -9.20
C LYS A 438 -32.40 -26.47 -9.06
N SER A 439 -33.04 -26.84 -10.18
CA SER A 439 -34.12 -27.86 -10.28
C SER A 439 -33.54 -29.22 -10.71
N LYS A 440 -32.23 -29.41 -10.70
CA LYS A 440 -31.66 -30.74 -11.02
C LYS A 440 -30.36 -31.01 -10.25
N THR A 441 -30.14 -30.35 -9.11
CA THR A 441 -28.81 -30.27 -8.47
C THR A 441 -28.92 -30.41 -6.94
N ALA A 442 -27.82 -30.82 -6.30
CA ALA A 442 -27.65 -31.02 -4.84
C ALA A 442 -26.88 -29.85 -4.19
N LYS A 443 -27.29 -28.61 -4.48
CA LYS A 443 -26.98 -27.33 -3.76
C LYS A 443 -25.55 -26.84 -3.98
N LEU A 444 -24.53 -27.64 -3.61
CA LEU A 444 -23.12 -27.19 -3.47
C LEU A 444 -22.39 -27.46 -4.78
N GLN A 445 -21.24 -28.12 -4.72
CA GLN A 445 -20.36 -28.35 -5.89
C GLN A 445 -21.03 -29.34 -6.85
N ASP A 446 -22.19 -29.90 -6.49
CA ASP A 446 -23.08 -30.66 -7.42
C ASP A 446 -23.80 -29.67 -8.34
N PHE A 447 -23.98 -28.42 -7.91
CA PHE A 447 -24.47 -27.32 -8.77
C PHE A 447 -23.33 -26.82 -9.67
N LYS A 448 -22.24 -26.35 -9.05
CA LYS A 448 -21.08 -25.74 -9.74
C LYS A 448 -20.50 -26.74 -10.75
N SER A 449 -20.46 -28.03 -10.43
CA SER A 449 -19.96 -29.10 -11.35
C SER A 449 -20.91 -29.22 -12.54
N PHE A 450 -22.21 -29.14 -12.28
CA PHE A 450 -23.26 -29.41 -13.28
C PHE A 450 -23.20 -28.37 -14.40
N LEU A 451 -22.72 -27.15 -14.08
CA LEU A 451 -22.56 -26.03 -15.03
C LEU A 451 -21.39 -26.31 -15.98
N LEU A 452 -20.40 -27.11 -15.56
CA LEU A 452 -19.20 -27.45 -16.38
C LEU A 452 -19.54 -28.63 -17.32
N LYS A 453 -20.19 -29.66 -16.78
CA LYS A 453 -20.22 -31.03 -17.35
C LYS A 453 -21.45 -31.20 -18.27
N ASP A 454 -22.63 -30.73 -17.83
CA ASP A 454 -23.94 -30.86 -18.54
C ASP A 454 -23.83 -30.20 -19.91
N SER A 455 -23.92 -30.98 -20.98
CA SER A 455 -23.76 -30.52 -22.38
C SER A 455 -24.84 -29.47 -22.71
N GLU A 456 -26.04 -29.61 -22.14
CA GLU A 456 -27.20 -28.74 -22.47
C GLU A 456 -27.01 -27.36 -21.82
N THR A 457 -26.41 -27.32 -20.64
CA THR A 457 -26.24 -26.07 -19.84
C THR A 457 -24.94 -25.38 -20.27
N SER A 458 -23.87 -26.16 -20.49
CA SER A 458 -22.54 -25.68 -20.92
C SER A 458 -22.67 -24.89 -22.24
N GLN A 459 -23.60 -25.30 -23.08
CA GLN A 459 -23.87 -24.71 -24.41
C GLN A 459 -24.76 -23.48 -24.19
N ARG A 460 -25.77 -23.59 -23.32
CA ARG A 460 -26.73 -22.48 -23.13
C ARG A 460 -26.00 -21.29 -22.53
N LEU A 461 -24.95 -21.57 -21.73
CA LEU A 461 -24.06 -20.55 -21.09
C LEU A 461 -23.11 -19.91 -22.13
N ALA A 462 -22.50 -20.72 -23.00
CA ALA A 462 -21.58 -20.24 -24.07
C ALA A 462 -22.31 -19.25 -25.01
N ASN A 463 -23.56 -19.53 -25.30
CA ASN A 463 -24.36 -18.74 -26.25
C ASN A 463 -24.62 -17.37 -25.64
N LEU A 464 -24.90 -17.34 -24.33
CA LEU A 464 -25.20 -16.12 -23.54
C LEU A 464 -23.89 -15.36 -23.31
N ARG A 465 -22.81 -16.08 -23.04
CA ARG A 465 -21.44 -15.52 -22.88
C ARG A 465 -21.09 -14.73 -24.12
N GLN A 466 -21.36 -15.32 -25.30
CA GLN A 466 -20.92 -14.78 -26.62
C GLN A 466 -21.73 -13.51 -26.90
N ARG A 467 -22.98 -13.46 -26.43
CA ARG A 467 -23.85 -12.29 -26.69
C ARG A 467 -23.40 -11.14 -25.79
N VAL A 468 -23.06 -11.44 -24.55
CA VAL A 468 -22.56 -10.44 -23.58
C VAL A 468 -21.26 -9.87 -24.11
N GLU A 469 -20.36 -10.73 -24.55
CA GLU A 469 -19.00 -10.27 -24.91
C GLU A 469 -19.05 -9.35 -26.16
N GLN A 470 -19.90 -9.67 -27.16
CA GLN A 470 -20.13 -8.91 -28.41
C GLN A 470 -20.75 -7.59 -27.97
N PHE A 471 -21.62 -7.65 -26.99
CA PHE A 471 -22.31 -6.45 -26.50
C PHE A 471 -21.25 -5.58 -25.81
N ALA A 472 -20.53 -6.17 -24.87
CA ALA A 472 -19.49 -5.50 -24.07
C ALA A 472 -18.37 -4.95 -24.98
N ARG A 473 -17.87 -5.74 -25.93
CA ARG A 473 -16.63 -5.38 -26.64
C ARG A 473 -16.82 -4.07 -27.41
N ALA A 474 -18.03 -3.72 -27.80
CA ALA A 474 -18.33 -2.56 -28.68
C ALA A 474 -18.11 -1.22 -27.96
N PHE A 475 -18.23 -1.15 -26.60
CA PHE A 475 -18.15 0.14 -25.85
C PHE A 475 -16.72 0.50 -25.55
N PRO A 476 -16.39 1.80 -25.50
CA PRO A 476 -15.01 2.22 -25.28
C PRO A 476 -14.62 1.85 -23.84
N MET A 477 -13.33 1.82 -23.57
CA MET A 477 -12.69 1.39 -22.29
C MET A 477 -11.56 2.36 -21.94
N PRO A 478 -11.63 3.07 -20.80
CA PRO A 478 -10.48 3.87 -20.36
C PRO A 478 -9.20 3.01 -20.26
N GLY A 479 -8.04 3.63 -20.30
CA GLY A 479 -6.77 2.89 -20.21
C GLY A 479 -5.97 2.96 -21.48
N PHE A 480 -5.01 2.09 -21.61
CA PHE A 480 -4.27 1.87 -22.86
C PHE A 480 -5.05 0.90 -23.73
N ASP A 481 -4.70 0.67 -25.01
CA ASP A 481 -5.48 -0.29 -25.86
C ASP A 481 -5.19 -1.74 -25.45
N GLU A 482 -3.96 -2.08 -25.06
CA GLU A 482 -3.46 -3.47 -25.02
C GLU A 482 -3.02 -3.94 -23.63
N HIS A 483 -3.08 -3.13 -22.57
CA HIS A 483 -2.58 -3.54 -21.24
C HIS A 483 -3.14 -2.63 -20.13
N TRP B 22 -15.64 12.35 -23.34
CA TRP B 22 -14.44 11.92 -22.54
C TRP B 22 -14.31 10.41 -22.60
N THR B 23 -13.14 9.96 -23.07
CA THR B 23 -12.81 8.53 -23.30
C THR B 23 -12.03 7.92 -22.13
N GLY B 24 -11.14 8.69 -21.49
CA GLY B 24 -10.20 8.14 -20.51
C GLY B 24 -9.05 7.45 -21.21
N GLN B 25 -8.87 7.71 -22.50
CA GLN B 25 -7.73 7.20 -23.31
C GLN B 25 -6.82 8.35 -23.71
N GLU B 26 -7.17 9.58 -23.32
CA GLU B 26 -6.34 10.77 -23.63
C GLU B 26 -4.98 10.59 -22.95
N SER B 27 -3.91 11.15 -23.51
CA SER B 27 -2.56 11.01 -22.88
C SER B 27 -2.45 12.01 -21.73
N LEU B 28 -1.54 11.74 -20.79
CA LEU B 28 -1.31 12.63 -19.63
C LEU B 28 -0.77 13.98 -20.12
N SER B 29 0.11 14.00 -21.13
CA SER B 29 0.58 15.25 -21.81
C SER B 29 -0.60 16.14 -22.19
N ASP B 30 -1.64 15.55 -22.74
CA ASP B 30 -2.79 16.26 -23.33
C ASP B 30 -3.72 16.78 -22.23
N SER B 31 -4.04 15.94 -21.23
CA SER B 31 -5.13 16.19 -20.25
C SER B 31 -4.63 16.93 -19.01
N ASP B 32 -3.33 16.84 -18.67
CA ASP B 32 -2.78 17.46 -17.43
C ASP B 32 -1.33 17.89 -17.65
N PRO B 33 -1.10 18.96 -18.44
CA PRO B 33 0.27 19.46 -18.65
C PRO B 33 0.98 19.75 -17.31
N GLU B 34 0.26 20.33 -16.34
CA GLU B 34 0.85 20.68 -15.02
C GLU B 34 1.52 19.45 -14.39
N MET B 35 0.84 18.30 -14.43
CA MET B 35 1.35 17.03 -13.83
C MET B 35 2.44 16.45 -14.71
N TRP B 36 2.26 16.57 -16.02
CA TRP B 36 3.24 16.02 -16.99
C TRP B 36 4.58 16.76 -16.82
N GLU B 37 4.55 18.09 -16.60
CA GLU B 37 5.77 18.91 -16.35
C GLU B 37 6.46 18.43 -15.08
N LEU B 38 5.70 18.01 -14.08
CA LEU B 38 6.26 17.63 -12.76
C LEU B 38 6.88 16.24 -12.82
N LEU B 39 6.17 15.30 -13.44
CA LEU B 39 6.74 13.98 -13.78
C LEU B 39 8.09 14.19 -14.46
N GLN B 40 8.14 15.18 -15.35
CA GLN B 40 9.29 15.37 -16.26
C GLN B 40 10.44 16.03 -15.51
N ARG B 41 10.14 16.98 -14.62
CA ARG B 41 11.17 17.62 -13.77
C ARG B 41 11.76 16.55 -12.83
N GLU B 42 10.93 15.65 -12.27
CA GLU B 42 11.44 14.58 -11.35
C GLU B 42 12.34 13.67 -12.17
N LYS B 43 11.96 13.40 -13.41
CA LYS B 43 12.79 12.57 -14.33
C LYS B 43 14.15 13.23 -14.54
N ASP B 44 14.17 14.54 -14.85
CA ASP B 44 15.42 15.36 -15.02
C ASP B 44 16.30 15.11 -13.80
N ARG B 45 15.69 15.38 -12.62
CA ARG B 45 16.32 15.38 -11.27
C ARG B 45 16.98 14.02 -11.03
N GLN B 46 16.33 12.92 -11.41
CA GLN B 46 16.86 11.57 -11.09
C GLN B 46 18.13 11.31 -11.92
N CYS B 47 18.03 11.48 -13.25
CA CYS B 47 19.10 11.10 -14.22
C CYS B 47 20.34 11.98 -13.97
N ARG B 48 20.15 13.27 -13.64
CA ARG B 48 21.14 14.30 -13.14
C ARG B 48 22.15 13.83 -12.05
N GLY B 49 21.68 13.42 -10.86
CA GLY B 49 22.50 13.38 -9.63
C GLY B 49 23.14 12.02 -9.39
N LEU B 50 23.84 11.85 -8.25
CA LEU B 50 24.38 10.54 -7.79
C LEU B 50 23.54 10.06 -6.59
N GLU B 51 22.87 8.91 -6.66
CA GLU B 51 22.10 8.34 -5.52
C GLU B 51 22.91 7.20 -4.88
N LEU B 52 23.32 7.38 -3.60
CA LEU B 52 24.13 6.45 -2.74
C LEU B 52 23.30 6.04 -1.50
N ILE B 53 21.98 6.27 -1.51
CA ILE B 53 21.00 5.84 -0.46
C ILE B 53 20.74 4.36 -0.66
N ALA B 54 21.16 3.52 0.27
CA ALA B 54 21.03 2.03 0.12
C ALA B 54 19.56 1.67 -0.12
N SER B 55 18.65 2.53 0.35
CA SER B 55 17.18 2.42 0.25
C SER B 55 16.68 3.39 -0.83
N GLU B 56 16.81 2.96 -2.09
CA GLU B 56 16.47 3.69 -3.33
C GLU B 56 17.17 2.96 -4.48
N ASN B 57 16.66 3.19 -5.70
CA ASN B 57 17.03 2.38 -6.89
C ASN B 57 16.12 2.88 -8.02
N PHE B 58 16.44 2.63 -9.28
CA PHE B 58 15.63 3.17 -10.41
C PHE B 58 15.01 1.96 -11.11
N CYS B 59 13.67 1.96 -11.19
CA CYS B 59 12.85 0.77 -11.57
C CYS B 59 12.92 0.60 -13.10
N SER B 60 12.87 -0.65 -13.56
CA SER B 60 12.89 -1.00 -14.99
C SER B 60 11.64 -0.46 -15.67
N ARG B 61 11.70 -0.22 -16.98
CA ARG B 61 10.49 0.12 -17.80
C ARG B 61 9.47 -1.03 -17.76
N ALA B 62 9.89 -2.28 -17.89
CA ALA B 62 9.04 -3.49 -17.89
C ALA B 62 8.14 -3.45 -16.66
N ALA B 63 8.80 -3.37 -15.52
CA ALA B 63 8.14 -3.27 -14.22
C ALA B 63 7.14 -2.11 -14.22
N LEU B 64 7.53 -0.90 -14.62
CA LEU B 64 6.57 0.24 -14.59
C LEU B 64 5.37 0.00 -15.53
N GLU B 65 5.56 -0.77 -16.62
CA GLU B 65 4.53 -1.04 -17.65
C GLU B 65 3.41 -1.81 -16.98
N ALA B 66 3.79 -2.72 -16.08
CA ALA B 66 2.87 -3.56 -15.27
C ALA B 66 2.20 -2.72 -14.19
N LEU B 67 3.00 -1.96 -13.42
CA LEU B 67 2.55 -1.04 -12.34
C LEU B 67 1.46 -0.11 -12.86
N GLY B 68 1.57 0.34 -14.11
CA GLY B 68 0.62 1.31 -14.69
C GLY B 68 -0.32 0.65 -15.68
N SER B 69 -0.77 -0.55 -15.38
CA SER B 69 -1.59 -1.41 -16.25
C SER B 69 -3.06 -1.38 -15.78
N CYS B 70 -3.92 -2.10 -16.47
CA CYS B 70 -5.33 -2.25 -16.15
C CYS B 70 -5.46 -3.14 -14.92
N LEU B 71 -4.38 -3.75 -14.44
CA LEU B 71 -4.46 -4.55 -13.19
C LEU B 71 -4.87 -3.68 -12.01
N ASN B 72 -4.60 -2.37 -12.12
CA ASN B 72 -5.07 -1.33 -11.17
C ASN B 72 -6.59 -1.40 -10.99
N ASN B 73 -7.31 -1.81 -12.05
CA ASN B 73 -8.77 -1.82 -12.16
C ASN B 73 -9.41 -3.02 -11.48
N LYS B 74 -8.68 -4.00 -10.96
CA LYS B 74 -9.27 -5.31 -10.55
C LYS B 74 -9.24 -5.47 -9.02
N TYR B 75 -10.43 -5.61 -8.41
CA TYR B 75 -10.61 -6.04 -6.99
C TYR B 75 -10.55 -7.56 -6.94
N SER B 76 -9.62 -8.07 -6.14
CA SER B 76 -9.44 -9.52 -5.91
C SER B 76 -9.07 -9.74 -4.45
N GLU B 77 -9.91 -9.25 -3.53
CA GLU B 77 -9.91 -9.70 -2.13
C GLU B 77 -9.86 -11.22 -2.04
N GLY B 78 -8.94 -11.72 -1.23
CA GLY B 78 -8.77 -13.15 -0.98
C GLY B 78 -7.40 -13.59 -1.44
N TYR B 79 -7.27 -14.90 -1.72
CA TYR B 79 -6.07 -15.55 -2.28
C TYR B 79 -6.46 -16.41 -3.48
N PRO B 80 -5.52 -16.66 -4.43
CA PRO B 80 -5.80 -17.49 -5.61
C PRO B 80 -6.50 -18.81 -5.23
N GLY B 81 -7.63 -19.17 -5.85
CA GLY B 81 -8.42 -20.30 -5.35
C GLY B 81 -9.42 -19.88 -4.29
N LYS B 82 -9.06 -19.05 -3.31
CA LYS B 82 -10.00 -18.56 -2.23
C LYS B 82 -10.28 -17.06 -2.41
N ARG B 83 -11.05 -16.73 -3.45
CA ARG B 83 -11.49 -15.35 -3.78
C ARG B 83 -12.93 -15.17 -3.29
N TYR B 84 -13.41 -13.93 -3.24
CA TYR B 84 -14.77 -13.62 -2.73
C TYR B 84 -15.55 -12.91 -3.84
N TYR B 85 -14.91 -12.79 -4.98
CA TYR B 85 -15.45 -12.18 -6.22
C TYR B 85 -15.25 -13.20 -7.34
N GLY B 86 -15.96 -12.99 -8.44
CA GLY B 86 -15.67 -13.67 -9.70
C GLY B 86 -14.63 -12.90 -10.49
N GLY B 87 -14.28 -13.42 -11.67
CA GLY B 87 -13.58 -12.67 -12.73
C GLY B 87 -12.15 -12.43 -12.38
N ALA B 88 -11.62 -13.22 -11.45
CA ALA B 88 -10.21 -13.22 -11.07
C ALA B 88 -9.42 -14.30 -11.84
N GLU B 89 -9.98 -14.91 -12.89
CA GLU B 89 -9.24 -16.04 -13.57
C GLU B 89 -7.78 -15.60 -13.79
N VAL B 90 -7.52 -14.37 -14.25
CA VAL B 90 -6.18 -13.95 -14.77
C VAL B 90 -5.32 -13.52 -13.60
N VAL B 91 -5.91 -12.75 -12.67
CA VAL B 91 -5.15 -12.18 -11.50
C VAL B 91 -4.65 -13.35 -10.66
N ASP B 92 -5.45 -14.39 -10.47
CA ASP B 92 -5.01 -15.64 -9.80
C ASP B 92 -3.65 -16.05 -10.37
N GLU B 93 -3.53 -16.13 -11.68
CA GLU B 93 -2.27 -16.62 -12.30
C GLU B 93 -1.15 -15.62 -12.03
N ILE B 94 -1.43 -14.33 -12.13
CA ILE B 94 -0.34 -13.33 -11.90
C ILE B 94 0.15 -13.48 -10.45
N GLU B 95 -0.76 -13.64 -9.49
CA GLU B 95 -0.40 -13.79 -8.05
C GLU B 95 0.45 -15.07 -7.90
N LEU B 96 -0.02 -16.19 -8.41
CA LEU B 96 0.75 -17.46 -8.32
C LEU B 96 2.10 -17.32 -9.01
N LEU B 97 2.15 -16.66 -10.18
CA LEU B 97 3.44 -16.42 -10.90
C LEU B 97 4.40 -15.67 -9.98
N CYS B 98 3.97 -14.56 -9.39
CA CYS B 98 4.73 -13.73 -8.40
C CYS B 98 5.19 -14.62 -7.23
N GLN B 99 4.31 -15.52 -6.79
CA GLN B 99 4.58 -16.47 -5.69
C GLN B 99 5.79 -17.27 -6.14
N ARG B 100 5.65 -17.97 -7.28
CA ARG B 100 6.67 -18.90 -7.81
C ARG B 100 7.97 -18.14 -8.03
N ARG B 101 7.89 -16.94 -8.61
CA ARG B 101 9.11 -16.20 -8.99
C ARG B 101 9.86 -15.86 -7.72
N ALA B 102 9.12 -15.56 -6.64
CA ALA B 102 9.64 -15.23 -5.29
C ALA B 102 10.38 -16.43 -4.67
N LEU B 103 9.78 -17.63 -4.61
CA LEU B 103 10.40 -18.86 -4.06
C LEU B 103 11.62 -19.22 -4.92
N GLU B 104 11.50 -19.18 -6.25
CA GLU B 104 12.67 -19.41 -7.15
C GLU B 104 13.73 -18.34 -6.92
N ALA B 105 13.35 -17.07 -6.85
CA ALA B 105 14.28 -15.92 -6.79
C ALA B 105 15.31 -16.13 -5.68
N PHE B 106 14.84 -16.64 -4.54
CA PHE B 106 15.65 -16.85 -3.31
C PHE B 106 16.17 -18.29 -3.33
N ASP B 107 15.69 -19.11 -4.26
CA ASP B 107 15.80 -20.59 -4.19
C ASP B 107 15.08 -20.96 -2.92
N LEU B 108 14.09 -21.85 -2.94
CA LEU B 108 13.24 -22.16 -1.77
C LEU B 108 12.25 -23.28 -2.09
N ASP B 109 12.23 -24.33 -1.30
CA ASP B 109 11.47 -25.54 -1.71
C ASP B 109 10.00 -25.28 -1.40
N PRO B 110 9.10 -25.28 -2.41
CA PRO B 110 7.66 -25.16 -2.18
C PRO B 110 7.06 -26.08 -1.11
N ALA B 111 7.73 -27.21 -0.81
CA ALA B 111 7.39 -28.11 0.30
C ALA B 111 7.56 -27.44 1.65
N GLN B 112 8.66 -26.67 1.81
CA GLN B 112 9.18 -26.14 3.08
C GLN B 112 9.05 -24.62 3.22
N TRP B 113 8.60 -23.90 2.19
CA TRP B 113 8.36 -22.42 2.27
C TRP B 113 7.13 -21.97 1.46
N GLY B 114 6.40 -21.00 2.01
CA GLY B 114 5.41 -20.17 1.31
C GLY B 114 5.86 -18.71 1.14
N VAL B 115 5.06 -17.92 0.41
CA VAL B 115 5.17 -16.43 0.36
C VAL B 115 3.78 -15.80 0.25
N ASN B 116 3.64 -14.62 0.84
CA ASN B 116 2.47 -13.73 0.66
C ASN B 116 2.95 -12.49 -0.09
N VAL B 117 2.32 -12.17 -1.23
CA VAL B 117 2.83 -11.12 -2.14
C VAL B 117 1.94 -9.88 -2.04
N GLN B 118 0.86 -9.90 -1.25
CA GLN B 118 -0.13 -8.80 -1.16
C GLN B 118 0.34 -7.59 -0.33
N PRO B 119 1.25 -7.64 0.67
CA PRO B 119 1.53 -6.45 1.50
C PRO B 119 1.73 -5.19 0.66
N TYR B 120 1.13 -4.09 1.06
CA TYR B 120 1.16 -2.86 0.25
C TYR B 120 2.58 -2.27 0.24
N SER B 121 3.36 -2.50 1.27
CA SER B 121 4.71 -1.90 1.40
C SER B 121 5.44 -2.59 2.55
N GLY B 122 6.54 -2.01 3.04
CA GLY B 122 7.48 -2.60 4.04
C GLY B 122 6.86 -2.67 5.44
N SER B 123 6.44 -1.51 5.97
CA SER B 123 5.72 -1.39 7.27
C SER B 123 4.54 -2.36 7.34
N PRO B 124 3.63 -2.43 6.35
CA PRO B 124 2.52 -3.36 6.40
C PRO B 124 2.99 -4.81 6.53
N ALA B 125 4.03 -5.18 5.78
CA ALA B 125 4.52 -6.57 5.77
C ALA B 125 4.91 -6.94 7.20
N ASN B 126 5.49 -5.98 7.93
CA ASN B 126 6.02 -6.26 9.29
C ASN B 126 4.80 -6.38 10.25
N LEU B 127 3.95 -5.34 10.30
CA LEU B 127 2.74 -5.28 11.15
C LEU B 127 1.91 -6.55 10.94
N ALA B 128 1.83 -7.04 9.69
CA ALA B 128 1.08 -8.27 9.35
C ALA B 128 1.68 -9.48 10.10
N VAL B 129 3.01 -9.59 10.17
CA VAL B 129 3.68 -10.73 10.87
C VAL B 129 3.37 -10.64 12.38
N TYR B 130 3.62 -9.46 12.97
CA TYR B 130 3.30 -9.20 14.40
C TYR B 130 1.85 -9.64 14.64
N THR B 131 0.90 -9.10 13.86
CA THR B 131 -0.56 -9.40 14.00
C THR B 131 -0.81 -10.91 13.85
N ALA B 132 -0.16 -11.61 12.96
CA ALA B 132 -0.45 -13.04 12.75
C ALA B 132 0.06 -13.88 13.94
N LEU B 133 1.14 -13.47 14.57
CA LEU B 133 1.99 -14.30 15.47
C LEU B 133 1.87 -13.91 16.94
N LEU B 134 1.54 -12.65 17.24
CA LEU B 134 1.48 -12.10 18.61
C LEU B 134 0.05 -11.72 18.98
N GLN B 135 -0.19 -11.59 20.28
CA GLN B 135 -1.34 -10.89 20.90
C GLN B 135 -0.94 -9.43 21.11
N PRO B 136 -1.89 -8.48 21.10
CA PRO B 136 -1.57 -7.11 21.49
C PRO B 136 -0.81 -7.14 22.81
N HIS B 137 0.25 -6.34 22.87
CA HIS B 137 1.10 -6.11 24.06
C HIS B 137 2.14 -7.22 24.26
N ASP B 138 2.14 -8.26 23.41
CA ASP B 138 3.20 -9.31 23.36
C ASP B 138 4.51 -8.61 23.04
N ARG B 139 5.61 -9.25 23.41
CA ARG B 139 6.93 -8.61 23.60
C ARG B 139 7.82 -8.80 22.35
N ILE B 140 8.38 -7.70 21.85
CA ILE B 140 9.16 -7.69 20.59
C ILE B 140 10.51 -7.06 20.86
N MET B 141 11.55 -7.80 20.49
CA MET B 141 12.95 -7.30 20.49
C MET B 141 13.36 -6.99 19.05
N GLY B 142 13.39 -5.70 18.73
CA GLY B 142 13.85 -5.20 17.44
C GLY B 142 15.02 -4.27 17.65
N LEU B 143 16.17 -4.61 17.07
CA LEU B 143 17.40 -3.78 17.14
C LEU B 143 17.04 -2.29 17.11
N ASP B 144 17.50 -1.51 18.08
CA ASP B 144 16.94 -0.14 18.39
C ASP B 144 17.21 0.70 17.16
N LEU B 145 16.72 1.94 17.14
CA LEU B 145 16.73 2.79 15.91
C LEU B 145 18.15 3.23 15.62
N PRO B 146 18.88 3.84 16.58
CA PRO B 146 20.26 4.23 16.35
C PRO B 146 21.16 3.02 16.04
N ASP B 147 21.09 1.95 16.85
CA ASP B 147 21.79 0.64 16.59
C ASP B 147 21.08 -0.08 15.41
N GLY B 148 21.26 0.39 14.16
CA GLY B 148 20.57 -0.14 12.96
C GLY B 148 19.32 0.66 12.60
N GLY B 149 18.14 0.10 12.89
CA GLY B 149 16.90 0.86 13.13
C GLY B 149 15.72 0.42 12.31
N HIS B 150 15.11 1.42 11.63
CA HIS B 150 13.76 1.49 11.03
C HIS B 150 12.69 1.49 12.12
N LEU B 151 11.77 2.46 12.03
CA LEU B 151 10.65 2.67 12.97
C LEU B 151 9.91 1.35 13.26
N THR B 152 9.67 0.50 12.25
CA THR B 152 8.69 -0.63 12.31
C THR B 152 9.23 -1.79 13.13
N HIS B 153 10.45 -1.66 13.61
CA HIS B 153 11.09 -2.66 14.49
C HIS B 153 10.60 -2.43 15.93
N GLY B 154 10.20 -1.21 16.24
CA GLY B 154 9.81 -0.82 17.61
C GLY B 154 10.58 0.42 17.97
N TYR B 155 9.90 1.51 18.30
CA TYR B 155 10.56 2.76 18.71
C TYR B 155 9.56 3.59 19.54
N MET B 156 9.95 3.84 20.79
CA MET B 156 9.37 4.85 21.70
C MET B 156 10.49 5.86 22.01
N SER B 157 10.15 7.14 22.10
CA SER B 157 11.04 8.17 22.66
C SER B 157 10.98 7.93 24.17
N ASP B 158 11.58 8.80 24.95
CA ASP B 158 11.63 8.67 26.42
C ASP B 158 10.37 9.37 26.94
N VAL B 159 9.54 9.90 26.02
CA VAL B 159 8.27 10.63 26.35
C VAL B 159 7.06 9.89 25.76
N LYS B 160 7.21 9.14 24.66
CA LYS B 160 6.03 8.68 23.85
C LYS B 160 6.34 7.46 22.96
N ARG B 161 5.30 6.66 22.71
CA ARG B 161 5.32 5.57 21.70
C ARG B 161 5.26 6.23 20.32
N ILE B 162 6.17 5.87 19.41
CA ILE B 162 6.32 6.51 18.07
C ILE B 162 5.79 5.57 16.99
N SER B 163 6.44 4.41 16.82
CA SER B 163 6.00 3.33 15.91
C SER B 163 4.70 2.73 16.43
N ALA B 164 3.78 2.41 15.55
CA ALA B 164 2.55 1.69 15.91
C ALA B 164 2.93 0.30 16.46
N THR B 165 4.14 -0.18 16.20
CA THR B 165 4.56 -1.53 16.65
C THR B 165 4.77 -1.43 18.17
N SER B 166 5.19 -0.26 18.65
CA SER B 166 5.41 0.06 20.06
C SER B 166 4.10 0.41 20.77
N ILE B 167 3.03 0.70 20.02
CA ILE B 167 1.68 1.04 20.55
C ILE B 167 0.88 -0.23 20.79
N PHE B 168 0.72 -1.03 19.74
CA PHE B 168 -0.05 -2.30 19.74
C PHE B 168 0.76 -3.46 20.34
N PHE B 169 2.09 -3.35 20.37
CA PHE B 169 2.99 -4.39 20.95
C PHE B 169 4.04 -3.74 21.86
N GLU B 170 4.71 -4.54 22.70
CA GLU B 170 5.63 -4.02 23.76
C GLU B 170 7.05 -4.32 23.32
N SER B 171 7.80 -3.28 22.97
CA SER B 171 9.10 -3.39 22.24
C SER B 171 10.27 -3.04 23.17
N MET B 172 11.30 -3.89 23.25
CA MET B 172 12.57 -3.51 23.90
C MET B 172 13.75 -3.50 22.93
N PRO B 173 14.45 -2.35 22.82
CA PRO B 173 15.60 -2.15 21.93
C PRO B 173 16.96 -2.91 21.99
N TYR B 174 17.68 -2.73 20.87
CA TYR B 174 18.92 -3.32 20.26
C TYR B 174 19.67 -4.45 20.96
N GLY B 175 21.01 -4.27 21.02
CA GLY B 175 22.09 -5.13 21.56
C GLY B 175 23.36 -5.09 20.69
N LEU B 176 24.04 -3.94 20.49
CA LEU B 176 25.33 -3.84 19.73
C LEU B 176 26.47 -3.49 20.70
N ALA B 177 27.72 -3.96 20.50
CA ALA B 177 28.92 -3.62 21.34
C ALA B 177 29.47 -2.25 20.95
N PRO B 178 29.11 -1.13 21.65
CA PRO B 178 29.27 0.22 21.08
C PRO B 178 30.70 0.54 20.63
N LYS B 179 30.77 1.21 19.47
CA LYS B 179 31.96 1.54 18.64
C LYS B 179 32.17 0.34 17.69
N THR B 180 32.44 -0.84 18.28
CA THR B 180 32.52 -2.21 17.64
C THR B 180 31.08 -2.23 17.10
N GLY B 181 30.89 -2.13 15.76
CA GLY B 181 29.60 -1.98 15.06
C GLY B 181 28.83 -3.24 15.35
N LEU B 182 29.49 -4.41 15.34
CA LEU B 182 28.99 -5.81 15.62
C LEU B 182 28.00 -6.13 16.77
N ILE B 183 27.07 -7.06 16.47
CA ILE B 183 25.81 -7.37 17.20
C ILE B 183 26.04 -8.08 18.54
N ASP B 184 25.77 -7.48 19.70
CA ASP B 184 26.05 -8.16 21.00
C ASP B 184 25.11 -9.36 20.86
N TYR B 185 25.71 -10.55 20.57
CA TYR B 185 25.02 -11.88 20.54
C TYR B 185 25.05 -12.35 22.00
N ASN B 186 25.80 -11.66 22.88
CA ASN B 186 25.82 -11.94 24.35
C ASN B 186 24.71 -11.25 25.17
N GLN B 187 24.66 -9.92 25.19
CA GLN B 187 23.75 -9.15 26.10
C GLN B 187 22.35 -9.31 25.49
N LEU B 188 22.23 -9.43 24.17
CA LEU B 188 20.92 -9.81 23.57
C LEU B 188 20.43 -11.03 24.35
N ALA B 189 21.12 -12.19 24.27
CA ALA B 189 20.76 -13.52 24.85
C ALA B 189 20.46 -13.43 26.35
N LEU B 190 21.25 -12.65 27.07
CA LEU B 190 21.00 -12.34 28.50
C LEU B 190 19.57 -11.76 28.65
N THR B 191 19.27 -10.62 27.96
CA THR B 191 18.03 -9.81 28.02
C THR B 191 16.88 -10.54 27.34
N ALA B 192 17.14 -11.33 26.31
CA ALA B 192 16.10 -12.21 25.71
C ALA B 192 15.76 -13.37 26.66
N ARG B 193 16.55 -13.61 27.69
CA ARG B 193 16.26 -14.61 28.78
C ARG B 193 15.45 -13.90 29.88
N LEU B 194 15.74 -12.61 30.13
CA LEU B 194 14.96 -11.66 30.95
C LEU B 194 13.65 -11.37 30.22
N PHE B 195 13.56 -10.21 29.56
CA PHE B 195 12.36 -9.63 28.88
C PHE B 195 11.47 -10.67 28.17
N ARG B 196 12.01 -11.83 27.82
CA ARG B 196 11.24 -13.04 27.44
C ARG B 196 10.38 -12.77 26.22
N PRO B 197 10.92 -12.08 25.17
CA PRO B 197 10.16 -11.64 24.01
C PRO B 197 9.78 -12.82 23.12
N ARG B 198 8.62 -12.72 22.48
CA ARG B 198 8.00 -13.80 21.67
C ARG B 198 8.53 -13.75 20.23
N LEU B 199 9.19 -12.64 19.87
CA LEU B 199 9.72 -12.44 18.53
C LEU B 199 10.86 -11.41 18.58
N ILE B 200 12.00 -11.79 17.99
CA ILE B 200 13.19 -10.92 17.80
C ILE B 200 13.39 -10.70 16.31
N ILE B 201 13.73 -9.47 15.96
CA ILE B 201 13.86 -8.99 14.55
C ILE B 201 15.33 -8.75 14.22
N ALA B 202 15.95 -9.82 13.71
CA ALA B 202 17.20 -9.84 12.92
C ALA B 202 16.74 -9.04 11.69
N GLY B 203 17.14 -7.76 11.61
CA GLY B 203 17.07 -6.94 10.41
C GLY B 203 17.61 -5.58 10.73
N THR B 204 17.92 -4.76 9.73
CA THR B 204 18.73 -3.53 9.90
C THR B 204 18.32 -2.50 8.87
N SER B 205 18.49 -1.25 9.23
CA SER B 205 18.47 -0.10 8.29
C SER B 205 19.94 0.17 7.91
N ALA B 206 20.79 0.51 8.92
CA ALA B 206 22.18 0.99 8.78
C ALA B 206 23.12 0.01 9.51
N TYR B 207 23.50 -1.03 8.80
CA TYR B 207 24.44 -2.03 9.36
C TYR B 207 25.19 -2.74 8.22
N ALA B 208 26.52 -2.68 8.24
CA ALA B 208 27.34 -3.04 7.08
C ALA B 208 27.85 -4.46 7.28
N ARG B 209 27.24 -5.21 8.21
CA ARG B 209 27.75 -6.55 8.54
C ARG B 209 26.62 -7.56 8.35
N LEU B 210 26.98 -8.85 8.31
CA LEU B 210 26.05 -10.01 8.30
C LEU B 210 25.53 -10.28 9.72
N ILE B 211 24.27 -10.67 9.81
CA ILE B 211 23.54 -10.99 11.06
C ILE B 211 23.61 -12.51 11.25
N ASP B 212 24.28 -12.97 12.31
CA ASP B 212 24.44 -14.43 12.59
C ASP B 212 22.98 -14.85 12.84
N TYR B 213 22.38 -15.52 11.86
CA TYR B 213 20.98 -16.03 11.83
C TYR B 213 21.02 -17.39 12.58
N ALA B 214 21.97 -18.29 12.28
CA ALA B 214 22.23 -19.51 13.09
C ALA B 214 22.34 -19.20 14.62
N ARG B 215 22.81 -18.01 15.04
CA ARG B 215 23.02 -17.71 16.50
C ARG B 215 21.78 -16.99 17.06
N MET B 216 21.11 -16.20 16.22
CA MET B 216 19.74 -15.71 16.46
C MET B 216 18.88 -16.94 16.75
N ARG B 217 18.94 -17.99 15.92
CA ARG B 217 18.07 -19.21 16.02
C ARG B 217 18.35 -20.02 17.32
N GLU B 218 19.50 -19.80 17.97
CA GLU B 218 19.83 -20.32 19.33
C GLU B 218 19.19 -19.39 20.39
N VAL B 219 19.63 -18.10 20.46
CA VAL B 219 18.95 -17.03 21.28
C VAL B 219 17.43 -17.20 21.21
N CYS B 220 16.85 -17.45 20.03
CA CYS B 220 15.39 -17.60 19.84
C CYS B 220 14.98 -19.02 20.27
N ASP B 221 15.60 -20.11 19.79
CA ASP B 221 15.25 -21.50 20.22
C ASP B 221 15.43 -21.62 21.75
N GLU B 222 16.24 -20.75 22.37
CA GLU B 222 16.47 -20.70 23.84
C GLU B 222 15.20 -20.21 24.54
N VAL B 223 14.81 -18.98 24.20
CA VAL B 223 13.72 -18.14 24.78
C VAL B 223 12.35 -18.66 24.30
N LYS B 224 12.30 -19.65 23.41
CA LYS B 224 11.09 -20.05 22.66
C LYS B 224 10.47 -18.78 22.04
N ALA B 225 11.32 -17.99 21.38
CA ALA B 225 10.95 -16.80 20.56
C ALA B 225 10.85 -17.22 19.09
N HIS B 226 10.28 -16.31 18.28
CA HIS B 226 10.17 -16.37 16.80
C HIS B 226 11.28 -15.50 16.23
N LEU B 227 11.93 -15.97 15.17
CA LEU B 227 13.00 -15.22 14.46
C LEU B 227 12.44 -14.61 13.17
N LEU B 228 12.47 -13.30 13.10
CA LEU B 228 12.04 -12.55 11.91
C LEU B 228 13.26 -11.80 11.39
N ALA B 229 13.56 -11.94 10.09
CA ALA B 229 14.55 -11.12 9.36
C ALA B 229 13.82 -10.18 8.38
N ASP B 230 13.98 -8.86 8.54
CA ASP B 230 13.50 -7.79 7.63
C ASP B 230 14.73 -7.46 6.79
N MET B 231 14.89 -8.17 5.67
CA MET B 231 16.09 -8.01 4.80
C MET B 231 15.82 -7.05 3.64
N ALA B 232 15.40 -5.83 3.93
CA ALA B 232 14.84 -4.90 2.92
C ALA B 232 15.96 -4.49 1.97
N HIS B 233 17.12 -4.16 2.53
CA HIS B 233 18.26 -3.57 1.76
C HIS B 233 19.12 -4.65 1.14
N ILE B 234 19.02 -5.90 1.59
CA ILE B 234 19.94 -7.01 1.20
C ILE B 234 19.17 -8.06 0.36
N SER B 235 17.87 -7.81 0.11
CA SER B 235 16.89 -8.78 -0.49
C SER B 235 17.45 -9.31 -1.80
N GLY B 236 18.04 -8.42 -2.62
CA GLY B 236 18.59 -8.83 -3.93
C GLY B 236 19.71 -9.82 -3.76
N LEU B 237 20.69 -9.37 -2.99
CA LEU B 237 21.88 -10.14 -2.63
C LEU B 237 21.43 -11.55 -2.25
N VAL B 238 20.56 -11.70 -1.30
CA VAL B 238 20.19 -13.08 -0.85
C VAL B 238 19.65 -13.93 -2.04
N ALA B 239 18.77 -13.39 -2.87
CA ALA B 239 18.20 -14.19 -3.99
C ALA B 239 19.39 -14.65 -4.83
N ALA B 240 20.32 -13.69 -5.04
CA ALA B 240 21.52 -13.78 -5.92
C ALA B 240 22.56 -14.79 -5.41
N LYS B 241 22.47 -15.29 -4.19
CA LYS B 241 23.29 -16.40 -3.63
C LYS B 241 24.71 -15.87 -3.35
N VAL B 242 24.90 -14.55 -3.27
CA VAL B 242 26.25 -13.96 -3.02
C VAL B 242 26.53 -13.98 -1.51
N ILE B 243 25.51 -13.60 -0.72
CA ILE B 243 25.48 -13.56 0.78
C ILE B 243 24.81 -14.85 1.26
N PRO B 244 24.99 -15.26 2.54
CA PRO B 244 24.22 -16.39 3.05
C PRO B 244 22.81 -15.87 3.39
N SER B 245 21.81 -16.68 3.02
CA SER B 245 20.38 -16.35 3.16
C SER B 245 19.97 -16.55 4.61
N PRO B 246 19.08 -15.71 5.16
CA PRO B 246 18.52 -16.00 6.47
C PRO B 246 17.64 -17.26 6.43
N PHE B 247 17.32 -17.75 5.24
CA PHE B 247 16.24 -18.74 5.02
C PHE B 247 16.70 -20.16 5.43
N LYS B 248 17.89 -20.29 6.01
CA LYS B 248 18.35 -21.59 6.61
C LYS B 248 17.95 -21.58 8.08
N HIS B 249 18.05 -20.42 8.73
CA HIS B 249 17.97 -20.27 10.21
C HIS B 249 16.63 -19.63 10.64
N ALA B 250 16.16 -18.62 9.89
CA ALA B 250 14.93 -17.85 10.19
C ALA B 250 13.71 -18.71 9.85
N ASP B 251 12.60 -18.39 10.52
CA ASP B 251 11.30 -19.07 10.33
C ASP B 251 10.45 -18.17 9.41
N ILE B 252 10.53 -16.84 9.60
CA ILE B 252 9.79 -15.78 8.86
C ILE B 252 10.79 -14.77 8.30
N VAL B 253 10.63 -14.36 7.04
CA VAL B 253 11.45 -13.28 6.40
C VAL B 253 10.47 -12.33 5.70
N THR B 254 10.68 -11.03 5.89
CA THR B 254 9.92 -9.95 5.22
C THR B 254 10.88 -9.14 4.34
N THR B 255 10.35 -8.50 3.30
CA THR B 255 11.10 -7.49 2.51
C THR B 255 10.14 -6.52 1.80
N THR B 256 10.64 -5.31 1.50
CA THR B 256 10.21 -4.43 0.39
C THR B 256 10.76 -5.00 -0.91
N THR B 257 10.09 -4.73 -2.02
CA THR B 257 10.43 -5.23 -3.38
C THR B 257 11.24 -4.17 -4.13
N HIS B 258 11.45 -3.00 -3.52
CA HIS B 258 12.28 -1.89 -4.06
C HIS B 258 13.66 -1.96 -3.39
N LYS B 259 14.46 -0.91 -3.57
CA LYS B 259 15.89 -0.84 -3.12
C LYS B 259 16.78 -1.86 -3.87
N THR B 260 17.54 -2.71 -3.19
CA THR B 260 18.36 -3.85 -3.72
C THR B 260 17.58 -4.70 -4.75
N LEU B 261 16.27 -4.92 -4.62
CA LEU B 261 15.51 -5.76 -5.61
C LEU B 261 15.12 -4.94 -6.84
N ARG B 262 15.22 -3.61 -6.77
CA ARG B 262 15.04 -2.71 -7.94
C ARG B 262 13.62 -2.84 -8.54
N GLY B 263 12.61 -3.22 -7.76
CA GLY B 263 11.23 -3.39 -8.25
C GLY B 263 10.35 -2.22 -7.89
N ALA B 264 9.05 -2.37 -8.04
CA ALA B 264 8.04 -1.37 -7.62
C ALA B 264 7.87 -1.43 -6.12
N ARG B 265 7.42 -0.33 -5.53
CA ARG B 265 7.10 -0.28 -4.07
C ARG B 265 5.95 -1.27 -3.78
N SER B 266 6.28 -2.33 -3.05
CA SER B 266 5.39 -3.41 -2.57
C SER B 266 6.11 -4.11 -1.40
N GLY B 267 5.63 -5.26 -0.99
CA GLY B 267 6.15 -5.96 0.19
C GLY B 267 5.94 -7.46 0.06
N LEU B 268 6.75 -8.28 0.72
CA LEU B 268 6.63 -9.76 0.67
C LEU B 268 6.78 -10.27 2.10
N ILE B 269 6.18 -11.42 2.39
CA ILE B 269 6.34 -12.13 3.68
C ILE B 269 6.55 -13.59 3.33
N PHE B 270 7.74 -14.11 3.61
CA PHE B 270 8.12 -15.53 3.44
C PHE B 270 8.03 -16.24 4.79
N TYR B 271 7.54 -17.49 4.82
CA TYR B 271 7.26 -18.25 6.04
C TYR B 271 7.43 -19.75 5.78
N ARG B 272 7.95 -20.50 6.77
CA ARG B 272 8.08 -21.99 6.74
C ARG B 272 6.70 -22.65 6.75
N LYS B 273 6.55 -23.82 6.12
CA LYS B 273 5.30 -24.66 6.16
C LYS B 273 5.66 -26.16 6.12
N GLY B 274 4.70 -27.03 6.46
CA GLY B 274 4.89 -28.50 6.56
C GLY B 274 5.54 -28.91 7.87
N VAL B 275 6.10 -30.11 7.93
CA VAL B 275 6.47 -30.81 9.20
C VAL B 275 7.72 -30.17 9.84
N LYS B 276 7.85 -30.24 11.18
CA LYS B 276 8.95 -29.61 11.97
C LYS B 276 9.66 -30.68 12.83
N ALA B 277 9.73 -31.92 12.33
CA ALA B 277 10.28 -33.10 13.04
C ALA B 277 9.37 -33.39 14.24
N VAL B 278 9.47 -34.61 14.81
CA VAL B 278 8.63 -35.12 15.94
C VAL B 278 9.57 -35.62 17.06
N ASP B 279 9.04 -35.85 18.27
CA ASP B 279 9.69 -36.63 19.36
C ASP B 279 9.45 -38.12 19.11
N PRO B 280 10.34 -39.02 19.60
CA PRO B 280 10.24 -40.47 19.36
C PRO B 280 8.89 -41.21 19.30
N LYS B 281 8.04 -41.06 20.34
CA LYS B 281 6.79 -41.84 20.54
C LYS B 281 5.63 -41.04 19.93
N THR B 282 5.65 -39.70 20.02
CA THR B 282 4.58 -38.78 19.52
C THR B 282 4.10 -39.20 18.12
N GLY B 283 4.93 -39.93 17.38
CA GLY B 283 4.61 -40.52 16.06
C GLY B 283 5.41 -39.84 14.97
N ARG B 284 4.94 -38.66 14.55
CA ARG B 284 5.55 -37.86 13.44
C ARG B 284 4.79 -36.56 13.11
N GLU B 285 3.52 -36.44 13.53
CA GLU B 285 2.67 -35.22 13.55
C GLU B 285 3.33 -34.12 14.40
N ALA B 286 3.63 -32.96 13.78
CA ALA B 286 4.12 -31.72 14.43
C ALA B 286 4.32 -30.61 13.39
N PRO B 287 3.26 -30.21 12.63
CA PRO B 287 3.41 -29.31 11.49
C PRO B 287 3.39 -27.81 11.81
N TYR B 288 4.12 -27.01 11.02
CA TYR B 288 4.14 -25.52 11.04
C TYR B 288 2.73 -24.98 10.88
N THR B 289 2.47 -23.83 11.52
CA THR B 289 1.15 -23.16 11.64
C THR B 289 1.28 -21.68 11.25
N PHE B 290 2.35 -21.27 10.54
CA PHE B 290 2.59 -19.88 10.09
C PHE B 290 1.63 -19.44 8.97
N GLU B 291 1.41 -20.30 7.97
CA GLU B 291 0.81 -19.97 6.64
C GLU B 291 -0.55 -19.34 6.86
N ASP B 292 -1.53 -20.12 7.33
CA ASP B 292 -2.93 -19.70 7.55
C ASP B 292 -2.99 -18.40 8.37
N ARG B 293 -2.14 -18.30 9.39
CA ARG B 293 -2.18 -17.13 10.30
C ARG B 293 -1.63 -15.90 9.60
N ILE B 294 -0.56 -16.05 8.84
CA ILE B 294 0.05 -14.88 8.17
C ILE B 294 -0.87 -14.44 7.04
N ASN B 295 -1.48 -15.40 6.36
CA ASN B 295 -2.36 -15.05 5.23
C ASN B 295 -3.61 -14.38 5.75
N PHE B 296 -4.09 -14.80 6.92
CA PHE B 296 -5.33 -14.24 7.53
C PHE B 296 -5.04 -12.88 8.12
N ALA B 297 -3.80 -12.59 8.47
CA ALA B 297 -3.48 -11.27 9.05
C ALA B 297 -3.40 -10.26 7.92
N VAL B 298 -3.07 -10.73 6.73
CA VAL B 298 -2.97 -9.83 5.56
C VAL B 298 -4.36 -9.58 4.99
N PHE B 299 -5.17 -10.59 4.73
CA PHE B 299 -6.44 -10.22 4.06
C PHE B 299 -7.68 -9.82 4.85
N PRO B 300 -8.28 -10.63 5.75
CA PRO B 300 -9.45 -10.13 6.41
C PRO B 300 -8.97 -9.09 7.42
N SER B 301 -7.90 -9.44 8.10
CA SER B 301 -7.40 -8.67 9.27
C SER B 301 -6.92 -7.26 8.93
N LEU B 302 -5.88 -7.01 8.14
CA LEU B 302 -5.30 -5.64 7.97
C LEU B 302 -5.66 -4.98 6.62
N GLN B 303 -5.53 -5.70 5.52
CA GLN B 303 -5.57 -5.11 4.15
C GLN B 303 -6.94 -5.39 3.53
N GLY B 304 -7.38 -4.47 2.69
CA GLY B 304 -8.52 -4.70 1.80
C GLY B 304 -8.03 -5.40 0.55
N GLY B 305 -8.43 -4.90 -0.61
CA GLY B 305 -8.06 -5.53 -1.89
C GLY B 305 -6.58 -5.36 -2.17
N PRO B 306 -5.92 -6.35 -2.75
CA PRO B 306 -4.55 -6.18 -3.19
C PRO B 306 -4.43 -5.19 -4.36
N HIS B 307 -3.23 -4.62 -4.48
CA HIS B 307 -2.75 -3.83 -5.63
C HIS B 307 -2.12 -4.80 -6.65
N ASN B 308 -2.96 -5.47 -7.45
CA ASN B 308 -2.55 -6.44 -8.50
C ASN B 308 -1.55 -5.81 -9.48
N HIS B 309 -1.54 -4.49 -9.62
CA HIS B 309 -0.56 -3.81 -10.51
C HIS B 309 0.81 -3.95 -9.87
N ALA B 310 0.94 -3.60 -8.59
CA ALA B 310 2.21 -3.76 -7.84
C ALA B 310 2.68 -5.23 -7.87
N ILE B 311 1.77 -6.17 -7.64
CA ILE B 311 2.13 -7.61 -7.64
C ILE B 311 2.76 -7.97 -8.99
N ALA B 312 2.21 -7.45 -10.09
CA ALA B 312 2.63 -7.77 -11.46
C ALA B 312 4.04 -7.24 -11.64
N ALA B 313 4.21 -5.95 -11.38
CA ALA B 313 5.49 -5.21 -11.44
C ALA B 313 6.51 -5.96 -10.58
N VAL B 314 6.08 -6.37 -9.38
CA VAL B 314 6.95 -7.15 -8.45
C VAL B 314 7.35 -8.41 -9.20
N ALA B 315 6.39 -9.14 -9.78
CA ALA B 315 6.70 -10.37 -10.52
C ALA B 315 7.75 -10.10 -11.61
N VAL B 316 7.61 -9.01 -12.38
CA VAL B 316 8.58 -8.67 -13.46
C VAL B 316 9.97 -8.66 -12.82
N ALA B 317 10.12 -7.91 -11.74
CA ALA B 317 11.43 -7.67 -11.07
C ALA B 317 12.00 -8.99 -10.50
N LEU B 318 11.17 -9.80 -9.89
CA LEU B 318 11.64 -11.08 -9.29
C LEU B 318 12.31 -11.97 -10.35
N LYS B 319 11.74 -12.08 -11.56
CA LYS B 319 12.39 -12.83 -12.67
C LYS B 319 13.63 -12.04 -13.07
N GLN B 320 13.47 -10.75 -13.36
CA GLN B 320 14.53 -9.75 -13.71
C GLN B 320 15.04 -9.92 -12.28
N ALA B 321 16.24 -10.51 -12.12
CA ALA B 321 16.73 -11.04 -10.83
C ALA B 321 16.84 -12.52 -10.42
N CYS B 322 16.01 -13.41 -10.96
CA CYS B 322 16.05 -14.88 -10.79
C CYS B 322 17.09 -15.44 -11.79
N THR B 323 17.95 -14.57 -12.37
CA THR B 323 18.71 -14.82 -13.63
C THR B 323 20.20 -14.60 -13.49
N PRO B 324 21.01 -15.29 -14.35
CA PRO B 324 22.43 -15.01 -14.56
C PRO B 324 22.83 -13.53 -14.55
N MET B 325 22.19 -12.74 -15.37
CA MET B 325 22.41 -11.27 -15.42
C MET B 325 22.52 -10.69 -13.99
N PHE B 326 21.54 -11.01 -13.10
CA PHE B 326 21.35 -10.38 -11.75
C PHE B 326 22.22 -11.02 -10.65
N ARG B 327 22.81 -12.21 -10.84
CA ARG B 327 23.86 -12.76 -9.95
C ARG B 327 25.14 -11.93 -10.16
N GLU B 328 25.35 -11.37 -11.36
CA GLU B 328 26.47 -10.44 -11.67
C GLU B 328 26.07 -8.98 -11.38
N TYR B 329 24.84 -8.73 -10.95
CA TYR B 329 24.46 -7.44 -10.33
C TYR B 329 24.91 -7.49 -8.87
N SER B 330 24.47 -8.55 -8.17
CA SER B 330 24.71 -8.80 -6.74
C SER B 330 26.23 -8.97 -6.46
N LEU B 331 26.96 -9.65 -7.37
CA LEU B 331 28.44 -9.80 -7.31
C LEU B 331 29.07 -8.41 -7.50
N GLN B 332 28.57 -7.61 -8.44
CA GLN B 332 29.15 -6.26 -8.66
C GLN B 332 28.74 -5.35 -7.51
N VAL B 333 27.58 -5.56 -6.87
CA VAL B 333 27.07 -4.69 -5.75
C VAL B 333 28.03 -4.74 -4.55
N LEU B 334 28.36 -5.94 -4.09
CA LEU B 334 29.30 -6.16 -2.98
C LEU B 334 30.66 -5.54 -3.34
N LYS B 335 31.24 -5.92 -4.49
CA LYS B 335 32.57 -5.43 -4.97
C LYS B 335 32.53 -3.90 -5.19
N ASN B 336 31.40 -3.33 -5.68
CA ASN B 336 31.17 -1.86 -5.70
C ASN B 336 31.24 -1.32 -4.27
N ALA B 337 30.56 -1.97 -3.32
CA ALA B 337 30.57 -1.60 -1.86
C ALA B 337 32.00 -1.63 -1.31
N ARG B 338 32.69 -2.79 -1.45
CA ARG B 338 34.11 -3.05 -1.04
C ARG B 338 35.00 -1.91 -1.54
N ALA B 339 34.93 -1.61 -2.84
CA ALA B 339 35.66 -0.53 -3.55
C ALA B 339 35.44 0.82 -2.86
N MET B 340 34.19 1.18 -2.61
CA MET B 340 33.82 2.44 -1.95
C MET B 340 34.47 2.46 -0.56
N ALA B 341 34.37 1.33 0.17
CA ALA B 341 34.86 1.12 1.55
C ALA B 341 36.37 1.39 1.57
N ASP B 342 37.13 0.62 0.77
CA ASP B 342 38.60 0.77 0.56
C ASP B 342 38.96 2.25 0.30
N ALA B 343 38.21 2.95 -0.54
CA ALA B 343 38.55 4.32 -1.01
C ALA B 343 38.06 5.39 -0.03
N LEU B 344 37.53 5.02 1.11
CA LEU B 344 37.23 5.98 2.23
C LEU B 344 38.15 5.73 3.45
N LEU B 345 38.66 4.49 3.61
CA LEU B 345 39.80 4.10 4.50
C LEU B 345 41.11 4.79 4.02
N GLU B 346 41.24 4.96 2.69
CA GLU B 346 42.26 5.83 2.01
C GLU B 346 41.68 7.24 1.78
N ARG B 347 41.20 7.92 2.84
CA ARG B 347 40.64 9.31 2.82
C ARG B 347 39.39 9.43 3.72
N GLY B 348 38.17 9.34 3.13
CA GLY B 348 36.86 9.90 3.55
C GLY B 348 36.66 10.06 5.06
N GLY B 349 37.05 9.05 5.88
CA GLY B 349 36.97 9.08 7.36
C GLY B 349 37.12 7.67 7.96
N TYR B 350 36.56 7.44 9.18
CA TYR B 350 36.54 6.13 9.91
C TYR B 350 35.29 5.31 9.50
N LEU B 351 35.41 3.97 9.58
CA LEU B 351 34.45 2.95 9.07
C LEU B 351 33.78 2.21 10.25
N VAL B 352 32.67 2.78 10.72
CA VAL B 352 31.79 2.22 11.78
C VAL B 352 31.65 0.78 11.29
N SER B 353 32.14 -0.20 12.05
CA SER B 353 32.28 -1.63 11.66
C SER B 353 33.68 -2.10 11.17
N GLY B 354 34.57 -1.18 10.77
CA GLY B 354 35.93 -1.45 10.23
C GLY B 354 35.97 -1.63 8.70
N GLY B 355 34.80 -1.75 8.06
CA GLY B 355 34.64 -2.18 6.67
C GLY B 355 33.19 -2.55 6.41
N THR B 356 32.94 -3.25 5.30
CA THR B 356 31.59 -3.75 4.89
C THR B 356 31.71 -5.24 4.60
N ASP B 357 30.61 -5.99 4.67
CA ASP B 357 30.52 -7.35 4.04
C ASP B 357 29.25 -7.42 3.20
N ASN B 358 28.54 -6.29 3.03
CA ASN B 358 27.21 -6.22 2.37
C ASN B 358 27.10 -4.89 1.61
N HIS B 359 25.91 -4.62 1.02
CA HIS B 359 25.62 -3.54 0.02
C HIS B 359 25.98 -2.10 0.41
N LEU B 360 26.46 -1.90 1.61
CA LEU B 360 26.61 -0.52 2.11
C LEU B 360 27.85 -0.44 2.99
N VAL B 361 28.22 0.79 3.29
CA VAL B 361 29.28 1.11 4.26
C VAL B 361 28.74 2.26 5.12
N LEU B 362 28.91 2.19 6.46
CA LEU B 362 28.59 3.29 7.41
C LEU B 362 29.91 3.94 7.84
N VAL B 363 30.27 5.02 7.14
CA VAL B 363 31.49 5.84 7.43
C VAL B 363 31.10 6.77 8.59
N ASP B 364 32.00 6.85 9.60
CA ASP B 364 32.01 7.83 10.71
C ASP B 364 32.70 9.14 10.22
N LEU B 365 32.07 10.30 10.50
CA LEU B 365 32.66 11.66 10.30
C LEU B 365 32.95 12.33 11.66
N ARG B 366 32.90 11.58 12.76
CA ARG B 366 33.33 12.05 14.10
C ARG B 366 34.85 12.24 14.09
N PRO B 367 35.72 11.24 13.78
CA PRO B 367 37.17 11.44 13.73
C PRO B 367 37.67 12.25 12.53
N LYS B 368 36.74 12.70 11.66
CA LYS B 368 36.99 13.70 10.57
C LYS B 368 36.53 15.09 11.04
N GLY B 369 35.79 15.18 12.15
CA GLY B 369 35.33 16.46 12.71
C GLY B 369 34.29 17.07 11.82
N GLY B 370 33.18 16.36 11.66
CA GLY B 370 32.05 16.68 10.75
C GLY B 370 30.82 15.89 11.17
N GLY B 371 29.69 16.55 11.45
CA GLY B 371 28.40 15.90 11.80
C GLY B 371 27.85 15.10 10.64
N GLY B 372 26.84 14.25 10.90
CA GLY B 372 26.21 13.41 9.86
C GLY B 372 25.23 14.20 9.02
N ALA B 373 24.74 15.32 9.56
CA ALA B 373 23.62 16.17 9.06
C ALA B 373 24.10 17.35 8.23
N ARG B 374 25.27 17.88 8.56
CA ARG B 374 26.02 18.84 7.71
C ARG B 374 26.49 18.19 6.39
N ALA B 375 27.28 17.10 6.50
CA ALA B 375 27.72 16.17 5.41
C ALA B 375 26.56 15.62 4.54
N GLU B 376 25.39 15.30 5.10
CA GLU B 376 24.19 14.93 4.30
C GLU B 376 23.67 16.14 3.47
N ARG B 377 23.51 17.32 4.09
CA ARG B 377 22.84 18.51 3.48
C ARG B 377 23.75 19.17 2.44
N VAL B 378 25.06 19.02 2.57
CA VAL B 378 26.01 19.60 1.58
C VAL B 378 25.93 18.78 0.28
N LEU B 379 25.98 17.45 0.41
CA LEU B 379 25.90 16.56 -0.76
C LEU B 379 24.52 16.73 -1.44
N GLU B 380 23.45 17.02 -0.68
CA GLU B 380 22.10 17.32 -1.25
C GLU B 380 22.21 18.46 -2.27
N LEU B 381 22.95 19.54 -1.97
CA LEU B 381 23.01 20.76 -2.83
C LEU B 381 23.91 20.46 -4.04
N VAL B 382 24.56 19.29 -4.02
CA VAL B 382 25.54 18.78 -5.05
C VAL B 382 24.94 17.56 -5.77
N SER B 383 23.64 17.28 -5.56
CA SER B 383 22.84 16.22 -6.22
C SER B 383 23.40 14.82 -5.90
N ILE B 384 24.11 14.68 -4.76
CA ILE B 384 24.45 13.32 -4.25
C ILE B 384 23.67 13.14 -2.94
N THR B 385 22.82 12.10 -2.90
CA THR B 385 21.91 11.77 -1.76
C THR B 385 22.38 10.45 -1.13
N ALA B 386 22.95 10.54 0.09
CA ALA B 386 23.37 9.46 1.02
C ALA B 386 22.53 9.59 2.29
N ASN B 387 22.93 9.03 3.44
CA ASN B 387 22.06 9.06 4.66
C ASN B 387 22.90 9.52 5.86
N LYS B 388 22.29 10.35 6.74
CA LYS B 388 22.71 10.58 8.16
C LYS B 388 22.42 9.32 8.95
N ASN B 389 23.34 8.90 9.80
CA ASN B 389 23.30 7.58 10.48
C ASN B 389 23.97 7.72 11.85
N THR B 390 23.23 7.50 12.94
CA THR B 390 23.80 7.40 14.32
C THR B 390 24.98 6.41 14.29
N CYS B 391 26.13 6.81 14.86
CA CYS B 391 27.31 5.94 15.11
C CYS B 391 27.46 5.83 16.62
N PRO B 392 28.08 4.74 17.15
CA PRO B 392 28.25 4.58 18.60
C PRO B 392 28.87 5.74 19.40
N GLY B 393 29.91 6.42 18.88
CA GLY B 393 30.43 7.72 19.37
C GLY B 393 29.61 8.88 18.82
N ASP B 394 28.54 9.27 19.53
CA ASP B 394 27.45 10.18 19.05
C ASP B 394 26.78 10.90 20.23
N ARG B 395 26.21 12.07 19.94
CA ARG B 395 25.28 12.84 20.81
C ARG B 395 23.93 12.71 20.10
N SER B 396 22.80 12.77 20.81
CA SER B 396 21.49 12.35 20.23
C SER B 396 20.69 13.56 19.72
N ALA B 397 21.32 14.72 19.50
CA ALA B 397 20.66 16.00 19.13
C ALA B 397 20.20 15.93 17.68
N ILE B 398 19.53 17.00 17.18
CA ILE B 398 18.86 17.05 15.85
C ILE B 398 19.72 16.49 14.70
N THR B 399 21.01 16.88 14.66
CA THR B 399 22.04 16.42 13.70
C THR B 399 22.94 15.19 13.94
N PRO B 400 23.74 15.13 15.05
CA PRO B 400 24.85 14.18 15.20
C PRO B 400 24.81 12.70 14.76
N GLY B 401 25.83 12.28 14.01
CA GLY B 401 26.13 10.86 13.76
C GLY B 401 27.21 10.62 12.73
N GLY B 402 26.87 9.82 11.72
CA GLY B 402 27.75 9.28 10.66
C GLY B 402 27.08 9.27 9.29
N LEU B 403 27.58 8.45 8.36
CA LEU B 403 27.20 8.52 6.93
C LEU B 403 27.05 7.11 6.35
N ARG B 404 25.90 6.87 5.70
CA ARG B 404 25.42 5.54 5.22
C ARG B 404 25.41 5.62 3.70
N LEU B 405 26.21 4.75 3.09
CA LEU B 405 26.44 4.68 1.63
C LEU B 405 26.02 3.32 1.12
N GLY B 406 25.41 3.27 -0.07
CA GLY B 406 25.02 2.02 -0.74
C GLY B 406 25.30 2.05 -2.24
N ALA B 407 25.54 0.84 -2.75
CA ALA B 407 25.98 0.53 -4.14
C ALA B 407 24.81 0.18 -5.05
N PRO B 408 23.64 -0.31 -4.55
CA PRO B 408 22.50 -0.65 -5.43
C PRO B 408 22.07 0.44 -6.44
N ALA B 409 21.89 1.70 -5.99
CA ALA B 409 21.36 2.76 -6.86
C ALA B 409 22.26 2.84 -8.08
N LEU B 410 23.51 3.25 -7.90
CA LEU B 410 24.42 3.61 -9.02
C LEU B 410 24.85 2.35 -9.77
N THR B 411 25.21 1.28 -9.06
CA THR B 411 25.39 -0.08 -9.64
C THR B 411 24.32 -0.34 -10.73
N SER B 412 23.09 0.17 -10.61
CA SER B 412 21.99 0.06 -11.62
C SER B 412 22.30 0.85 -12.89
N ARG B 413 23.04 1.97 -12.79
CA ARG B 413 23.47 2.78 -13.97
C ARG B 413 24.87 2.35 -14.48
N GLN B 414 25.22 1.08 -14.21
CA GLN B 414 26.30 0.26 -14.83
C GLN B 414 27.65 0.62 -14.21
N PHE B 415 27.66 1.40 -13.11
CA PHE B 415 28.90 1.84 -12.39
C PHE B 415 29.64 0.58 -11.91
N ARG B 416 30.98 0.61 -11.98
CA ARG B 416 31.90 -0.45 -11.48
C ARG B 416 32.86 0.17 -10.44
N GLU B 417 33.89 -0.57 -10.01
CA GLU B 417 34.75 -0.20 -8.87
C GLU B 417 35.35 1.18 -9.15
N ASP B 418 35.75 1.46 -10.39
CA ASP B 418 36.35 2.77 -10.80
C ASP B 418 35.31 3.91 -10.65
N ASP B 419 34.06 3.66 -10.99
CA ASP B 419 33.00 4.68 -10.85
C ASP B 419 32.99 5.16 -9.40
N PHE B 420 33.29 4.20 -8.50
CA PHE B 420 33.20 4.27 -7.00
C PHE B 420 34.51 4.79 -6.35
N ARG B 421 35.46 5.31 -7.15
CA ARG B 421 36.66 6.07 -6.69
C ARG B 421 36.44 7.58 -6.93
N ARG B 422 35.78 7.95 -8.06
CA ARG B 422 35.46 9.36 -8.42
C ARG B 422 34.27 9.78 -7.57
N VAL B 423 33.27 8.89 -7.34
CA VAL B 423 32.06 9.21 -6.54
C VAL B 423 32.54 9.57 -5.13
N VAL B 424 33.52 8.81 -4.61
CA VAL B 424 34.17 8.99 -3.27
C VAL B 424 35.01 10.30 -3.29
N ASP B 425 35.72 10.63 -4.39
CA ASP B 425 36.49 11.90 -4.54
C ASP B 425 35.51 13.08 -4.66
N PHE B 426 34.32 12.86 -5.23
CA PHE B 426 33.21 13.86 -5.31
C PHE B 426 32.71 14.12 -3.90
N ILE B 427 32.49 13.07 -3.13
CA ILE B 427 32.01 13.22 -1.71
C ILE B 427 33.10 13.96 -0.91
N ASP B 428 34.40 13.65 -1.14
CA ASP B 428 35.58 14.34 -0.51
C ASP B 428 35.42 15.87 -0.66
N GLU B 429 35.10 16.37 -1.86
CA GLU B 429 34.90 17.83 -2.12
C GLU B 429 33.72 18.32 -1.25
N GLY B 430 32.67 17.51 -1.07
CA GLY B 430 31.55 17.81 -0.16
C GLY B 430 31.98 17.92 1.33
N VAL B 431 32.52 16.82 1.90
CA VAL B 431 33.14 16.72 3.24
C VAL B 431 33.97 17.99 3.43
N ASN B 432 34.86 18.28 2.47
CA ASN B 432 35.88 19.37 2.55
C ASN B 432 35.26 20.77 2.39
N ILE B 433 34.23 21.04 1.56
CA ILE B 433 33.60 22.40 1.55
C ILE B 433 32.76 22.55 2.84
N GLY B 434 32.27 21.44 3.40
CA GLY B 434 31.62 21.38 4.73
C GLY B 434 32.54 21.87 5.84
N LEU B 435 33.58 21.08 6.18
CA LEU B 435 34.61 21.44 7.19
C LEU B 435 34.89 22.95 7.08
N GLU B 436 35.16 23.47 5.86
CA GLU B 436 35.44 24.92 5.63
C GLU B 436 34.26 25.75 6.19
N VAL B 437 33.02 25.45 5.76
CA VAL B 437 31.77 26.14 6.23
C VAL B 437 31.66 26.07 7.77
N LYS B 438 31.96 24.88 8.34
CA LYS B 438 31.85 24.52 9.80
C LYS B 438 32.83 25.35 10.65
N SER B 439 33.85 25.97 10.03
CA SER B 439 34.88 26.82 10.69
C SER B 439 34.59 28.32 10.53
N LYS B 440 33.40 28.73 10.00
CA LYS B 440 33.00 30.15 9.80
C LYS B 440 31.49 30.33 10.06
N THR B 441 30.88 29.38 10.76
CA THR B 441 29.43 29.28 11.06
C THR B 441 29.28 28.76 12.50
N ALA B 442 28.10 28.92 13.13
CA ALA B 442 27.91 28.72 14.60
C ALA B 442 27.28 27.35 14.95
N LYS B 443 25.96 27.20 14.75
CA LYS B 443 25.19 25.93 14.92
C LYS B 443 24.78 25.41 13.54
N LEU B 444 23.97 24.35 13.49
CA LEU B 444 23.43 23.79 12.22
C LEU B 444 22.57 24.88 11.54
N GLN B 445 21.58 25.46 12.24
CA GLN B 445 20.71 26.56 11.72
C GLN B 445 21.58 27.59 11.00
N ASP B 446 22.70 27.98 11.63
CA ASP B 446 23.62 29.07 11.16
C ASP B 446 24.51 28.52 10.03
N PHE B 447 24.77 27.20 9.99
CA PHE B 447 25.56 26.44 8.96
C PHE B 447 24.81 26.40 7.61
N LYS B 448 23.62 25.84 7.65
CA LYS B 448 22.82 25.57 6.43
C LYS B 448 22.36 26.91 5.83
N SER B 449 22.24 28.02 6.62
CA SER B 449 22.06 29.42 6.13
C SER B 449 23.21 29.76 5.18
N PHE B 450 24.45 29.54 5.65
CA PHE B 450 25.74 29.99 5.05
C PHE B 450 25.98 29.32 3.68
N LEU B 451 25.39 28.13 3.49
CA LEU B 451 25.43 27.37 2.19
C LEU B 451 24.57 28.06 1.14
N LEU B 452 23.47 28.70 1.55
CA LEU B 452 22.46 29.32 0.64
C LEU B 452 22.88 30.74 0.29
N LYS B 453 23.43 31.47 1.28
CA LYS B 453 23.59 32.95 1.28
C LYS B 453 24.93 33.34 0.62
N ASP B 454 26.02 32.71 1.07
CA ASP B 454 27.42 33.13 0.77
C ASP B 454 27.71 32.94 -0.72
N SER B 455 27.94 34.03 -1.48
CA SER B 455 28.17 34.02 -2.95
C SER B 455 29.45 33.23 -3.28
N GLU B 456 30.43 33.26 -2.36
CA GLU B 456 31.76 32.60 -2.46
C GLU B 456 31.61 31.07 -2.40
N THR B 457 30.76 30.56 -1.49
CA THR B 457 30.49 29.11 -1.25
C THR B 457 29.45 28.58 -2.26
N SER B 458 28.34 29.33 -2.51
CA SER B 458 27.19 28.95 -3.40
C SER B 458 27.68 28.68 -4.84
N GLN B 459 28.76 29.34 -5.24
CA GLN B 459 29.37 29.22 -6.58
C GLN B 459 30.40 28.07 -6.54
N ARG B 460 31.19 27.98 -5.47
CA ARG B 460 32.13 26.83 -5.27
C ARG B 460 31.35 25.49 -5.33
N LEU B 461 30.10 25.47 -4.84
CA LEU B 461 29.18 24.29 -4.74
C LEU B 461 28.60 23.97 -6.13
N ALA B 462 28.09 24.99 -6.84
CA ALA B 462 27.51 24.90 -8.20
C ALA B 462 28.52 24.25 -9.16
N ASN B 463 29.81 24.61 -9.02
CA ASN B 463 30.94 24.06 -9.82
C ASN B 463 31.17 22.57 -9.50
N LEU B 464 30.99 22.12 -8.24
CA LEU B 464 31.07 20.67 -7.84
C LEU B 464 29.80 19.93 -8.31
N ARG B 465 28.63 20.57 -8.21
CA ARG B 465 27.31 20.06 -8.65
C ARG B 465 27.39 19.69 -10.14
N GLN B 466 28.04 20.57 -10.95
CA GLN B 466 28.18 20.42 -12.42
C GLN B 466 29.07 19.23 -12.73
N ARG B 467 30.13 19.03 -11.95
CA ARG B 467 31.13 17.93 -12.11
C ARG B 467 30.46 16.58 -11.82
N VAL B 468 29.71 16.47 -10.70
CA VAL B 468 28.96 15.21 -10.37
C VAL B 468 27.82 15.00 -11.38
N GLU B 469 27.01 16.05 -11.65
CA GLU B 469 25.90 16.08 -12.65
C GLU B 469 26.33 15.42 -13.97
N GLN B 470 27.38 15.96 -14.55
CA GLN B 470 27.73 15.60 -15.92
C GLN B 470 28.49 14.29 -15.80
N PHE B 471 29.09 13.96 -14.65
CA PHE B 471 29.65 12.58 -14.42
C PHE B 471 28.51 11.54 -14.57
N ALA B 472 27.37 11.73 -13.91
CA ALA B 472 26.23 10.78 -13.98
C ALA B 472 25.41 11.01 -15.27
N ARG B 473 25.00 12.26 -15.57
CA ARG B 473 23.89 12.61 -16.50
C ARG B 473 24.10 11.97 -17.88
N ALA B 474 25.35 11.70 -18.23
CA ALA B 474 25.74 10.91 -19.43
C ALA B 474 25.31 9.45 -19.26
N PHE B 475 25.44 8.87 -18.05
CA PHE B 475 25.20 7.42 -17.74
C PHE B 475 23.75 7.08 -18.11
N PRO B 476 23.47 5.81 -18.47
CA PRO B 476 22.10 5.36 -18.73
C PRO B 476 21.29 5.30 -17.43
N MET B 477 19.97 5.51 -17.50
CA MET B 477 19.05 5.24 -16.38
C MET B 477 17.82 4.48 -16.82
N PRO B 478 17.48 3.38 -16.11
CA PRO B 478 16.18 2.73 -16.26
C PRO B 478 14.95 3.66 -16.24
N GLY B 479 13.88 3.22 -16.90
CA GLY B 479 12.61 3.99 -16.97
C GLY B 479 12.27 4.36 -18.40
N PHE B 480 11.31 5.27 -18.55
CA PHE B 480 10.68 5.63 -19.82
C PHE B 480 11.37 6.81 -20.52
N ASP B 481 12.62 7.13 -20.20
CA ASP B 481 13.27 8.31 -20.82
C ASP B 481 12.70 9.62 -20.23
N GLU B 482 11.38 9.81 -20.34
CA GLU B 482 10.68 11.12 -20.12
C GLU B 482 9.63 11.03 -18.99
N HIS B 483 9.65 9.94 -18.20
CA HIS B 483 8.91 9.83 -16.90
C HIS B 483 9.24 8.52 -16.16
P PO4 C . -9.17 -0.99 0.09
O1 PO4 C . -10.34 -0.54 1.00
O2 PO4 C . -9.60 -2.22 -0.73
O3 PO4 C . -7.92 -1.33 0.97
O4 PO4 C . -8.81 0.14 -0.85
C1 PEG D . -36.77 -23.07 -3.68
O1 PEG D . -37.86 -22.19 -3.57
C2 PEG D . -37.15 -24.51 -3.48
O2 PEG D . -35.99 -25.30 -3.28
C3 PEG D . -35.54 -25.35 -1.93
C4 PEG D . -34.17 -25.95 -1.86
O4 PEG D . -34.13 -27.28 -2.36
C1 CBO E . -15.51 -14.92 3.90
C2 CBO E . -14.17 -15.04 4.61
C3 CBO E . -14.31 -14.91 6.08
C4 CBO E . -14.62 -13.51 6.43
C5 CBO E . -16.02 -13.08 5.77
C6 CBO E . -16.22 -11.56 5.96
C7 CBO E . -15.71 -10.81 4.78
C8 CBO E . -16.64 -11.04 3.63
C9 CBO E . -16.28 -12.43 3.09
C10 CBO E . -16.38 -13.64 4.25
C11 CBO E . -16.99 -12.56 1.83
C12 CBO E . -17.32 -11.44 1.02
C13 CBO E . -17.02 -10.09 1.34
C14 CBO E . -16.40 -9.86 2.55
C15 CBO E . -17.02 -8.53 3.19
C16 CBO E . -18.36 -8.00 2.56
C17 CBO E . -18.76 -8.42 1.17
C18 CBO E . -17.48 -8.98 0.50
C19 CBO E . -17.84 -14.16 4.38
C20 CBO E . -16.40 -7.81 0.18
C21 CBO E . -17.05 -6.32 0.01
C22 CBO E . -18.44 -6.53 -0.55
C23 CBO E . -19.37 -7.13 0.45
C24 CBO E . -13.42 -12.64 6.02
C25 CBO E . -14.73 -13.43 7.95
C26 CBO E . -18.15 -10.98 4.07
C27 CBO E . -14.85 -9.75 2.29
C28 CBO E . -19.93 -9.45 1.21
C29 CBO E . -15.05 -16.36 7.77
C30 CBO E . -16.23 -16.65 8.71
C31 CBO E . -15.77 -17.55 9.86
C32 CBO E . -15.93 -19.01 9.42
C33 CBO E . -16.32 -5.35 -0.97
C34 CBO E . -17.02 -5.47 1.32
O3 CBO E . -15.37 -15.78 6.61
O11 CBO E . -17.30 -13.67 1.37
O29 CBO E . -13.88 -16.61 8.08
O32 CBO E . -15.70 -19.33 8.23
O33 CBO E . -16.28 -19.83 10.32
O34 CBO E . -15.16 -5.65 -1.30
O35 CBO E . -16.88 -4.27 -1.27
C1 CBO F . 9.97 11.64 16.19
C2 CBO F . 9.71 12.14 17.61
C3 CBO F . 10.84 12.92 18.21
C4 CBO F . 12.18 12.12 18.10
C5 CBO F . 12.57 11.80 16.59
C6 CBO F . 13.24 10.38 16.42
C7 CBO F . 14.05 10.36 15.18
C8 CBO F . 13.17 10.66 13.95
C9 CBO F . 11.66 10.80 14.39
C10 CBO F . 11.39 11.91 15.54
C11 CBO F . 10.83 10.89 13.25
C12 CBO F . 11.16 10.24 12.06
C13 CBO F . 12.33 9.50 11.87
C14 CBO F . 13.29 9.43 12.88
C15 CBO F . 14.69 9.38 12.18
C16 CBO F . 14.75 10.19 10.84
C17 CBO F . 13.58 9.87 9.88
C18 CBO F . 12.59 8.93 10.57
C19 CBO F . 11.41 13.31 14.91
C20 CBO F . 13.01 7.41 10.57
C21 CBO F . 13.94 7.00 9.35
C22 CBO F . 13.63 7.94 8.22
C23 CBO F . 14.12 9.33 8.51
C24 CBO F . 12.02 10.83 18.93
C25 CBO F . 13.31 12.93 18.77
C26 CBO F . 13.71 11.98 13.34
C27 CBO F . 13.10 8.11 13.66
C28 CBO F . 12.84 11.20 9.59
C29 CBO F . 9.81 15.01 17.23
C30 CBO F . 9.15 16.06 18.14
C31 CBO F . 7.94 16.58 17.36
C32 CBO F . 6.83 16.76 18.35
C33 CBO F . 13.62 5.53 8.87
C34 CBO F . 15.46 7.01 9.65
O3 CBO F . 10.93 14.33 17.72
O11 CBO F . 9.74 11.46 13.28
O29 CBO F . 9.38 14.86 16.09
O32 CBO F . 7.07 17.44 19.36
O33 CBO F . 5.73 16.23 18.07
O34 CBO F . 13.00 4.77 9.65
O35 CBO F . 14.06 5.20 7.74
P PO4 G . 8.53 1.20 3.29
O1 PO4 G . 8.54 0.82 4.78
O2 PO4 G . 8.41 2.71 3.16
O3 PO4 G . 9.81 0.71 2.63
O4 PO4 G . 7.34 0.54 2.60
#